data_5EKQ
#
_entry.id   5EKQ
#
_cell.length_a   234.848
_cell.length_b   109.231
_cell.length_c   103.988
_cell.angle_alpha   90.00
_cell.angle_beta   95.04
_cell.angle_gamma   90.00
#
_symmetry.space_group_name_H-M   'C 1 2 1'
#
loop_
_entity.id
_entity.type
_entity.pdbx_description
1 polymer 'Outer membrane protein assembly factor BamA'
2 polymer 'Outer membrane protein assembly factor BamD'
3 polymer 'Outer membrane protein assembly factor BamC'
4 polymer 'Outer membrane protein assembly factor BamE'
#
loop_
_entity_poly.entity_id
_entity_poly.type
_entity_poly.pdbx_seq_one_letter_code
_entity_poly.pdbx_strand_id
1 'polypeptide(L)'
;AEGFVVKDIHFEGLQRVAVGAALLSMPVRTGDTVNDEDISNTIRALFATGNFEDVRVLRDGDTLLVQVKERPTIASITFS
GNKSVKDDMLKQNLEASGVRVGESLDRTTIADIEKGLEDFYYSVGKYSASVKAVVTPLPRNRVDLKLVFQEGVSAEIQQI
NIVGNHAFTTDELISHFQLRDEVPWWNVVGDRKYQKQKLAGDLETLRSYYLDRGYARFNIDSTQVSLTPDKKGIYVTVNI
TEGDQYKLSGVEVSGNLAGHSAEIEQLTKIEPGELYNGTKVTKMEDDIKKLLGRYGYAYPRVQSMPEINDADKTVKLRVN
VDAGNRFYVRKIRFEGNDTSKDAVLRREMRQMEGAWLGSDLVDQGKERLNRLGFFETVDTDTQRVPGSPDQVDVVYKVKE
RNTGSFNFGIGYGTESGVSFQAGVQQDNWLGTGYAVGINGTKNDYQTYAELSVTNPYFTVDGVSLGGRLFYNDFQADDAD
LSDYTNKSYGTDVTLGFPINEYNSLRAGLGYVHNSLSNMQPQVAMWRYLYSMGEHPSTSDQDNSFKTDDFTFNYGWTYNK
LDRGYFPTDGSRVNLTGKVTIPGSDNEYYKVTLDTATYVPIDDDHKWVVLGRTRWGYGDGLGGKEMPFYENFYAGGSSTV
RGFQSNTIGPKAVYFPHQASNYDPDYDYECATQDGAKDLCKSDDAVGGNAMAVASLEFITPTPFISDKYANSVRTSFFWD
MGTVWDTNWDSSQYSGYPDYSDPSNIRMSAGIALQWMSPLGPLVFSYAQPFKKYDGDKAEQFQFNIGKTW
;
A
2 'polypeptide(L)'
;CSGSKEEVPDNPPNEIYATAQQKLQDGNWRQAITQLEALDNRYPFGPYSQQVQLDLIYAYYKNADLPLAQAAIDRFIRLN
PTHPNIDYVMYMRGLTNMALDDSALQGFFGVDRSDRDPQHARAAFSDFSKLVRGYPNSQYTTDATKRLVFLKDRLAKYEY
SVAEYYTERGAWVAVVNRVEGMLRDYPDTQATRDALPLMENAYRQMQMNAQAEKVAKIIAANSSNT
;
D
3 'polypeptide(L)'
;CSSDSRYKRQVSGDEAYLEAAPLAELHAPAGMILPVTSGDYAIPVTNGSGAVGKALDIRPPAQPLALVSGARTQFTGDTA
SLLVENGRGNTLWPQVVSVLQAKNYTITQRDDAGQTLTTDWVQWNRLDEDEQYRGRYQISVKPQGYQQAVTVKLLNLEQA
GKPVADAASMQRYSTEMMNVISAGLDKSATDAANAAQNRASTTMDVQSAADDTGLPMLVVRGPFNVVWQRLPAALEKVGM
KVTDSTRSQGNMAVTYKPLSDSDWQELGASDPGLASGDYKLQVGDLDNRSSLQFIDPKGHTLTQSQNDALVAVFQAAFSK
;
C
4 'polypeptide(L)'
;CSTLERVVYRPDINQGNYLTANDVSKIRVGMTQQQVAYALGTPLMSDPFGTNTWFYVFRQQPGHEGVTQQTLTLTFNSSG
VLTNIDNKPALSGN
;
E
#
# COMPACT_ATOMS: atom_id res chain seq x y z
N ILE A 9 17.56 23.18 -43.61
CA ILE A 9 16.40 22.80 -42.81
C ILE A 9 16.05 23.96 -41.88
N HIS A 10 15.01 24.72 -42.25
CA HIS A 10 14.62 25.92 -41.52
C HIS A 10 13.17 25.80 -41.07
N PHE A 11 12.90 26.13 -39.82
CA PHE A 11 11.54 26.16 -39.29
C PHE A 11 10.94 27.55 -39.50
N GLU A 12 9.70 27.74 -39.06
CA GLU A 12 9.16 29.02 -38.58
C GLU A 12 7.69 28.88 -38.10
N GLY A 13 7.19 29.78 -37.25
CA GLY A 13 8.00 30.60 -36.35
C GLY A 13 8.02 30.12 -34.89
N LEU A 14 7.05 29.30 -34.50
CA LEU A 14 7.06 28.58 -33.21
C LEU A 14 7.14 29.42 -31.94
N GLN A 15 6.04 30.07 -31.56
CA GLN A 15 5.91 30.45 -30.15
C GLN A 15 5.87 29.20 -29.28
N ARG A 16 6.19 29.37 -28.00
CA ARG A 16 6.39 28.25 -27.07
C ARG A 16 7.53 27.35 -27.54
N VAL A 17 7.21 26.10 -27.92
CA VAL A 17 8.22 25.09 -28.20
C VAL A 17 9.27 25.63 -29.17
N ALA A 18 10.53 25.40 -28.84
CA ALA A 18 11.66 25.87 -29.63
C ALA A 18 12.11 24.78 -30.60
N VAL A 19 13.26 25.01 -31.25
CA VAL A 19 13.80 24.06 -32.22
C VAL A 19 14.26 22.77 -31.55
N GLY A 20 14.74 22.86 -30.30
CA GLY A 20 15.35 21.71 -29.66
C GLY A 20 14.44 20.51 -29.55
N ALA A 21 13.26 20.72 -28.96
CA ALA A 21 12.29 19.63 -28.82
C ALA A 21 11.49 19.39 -30.08
N ALA A 22 11.47 20.34 -31.01
CA ALA A 22 10.70 20.18 -32.24
C ALA A 22 11.44 19.29 -33.25
N LEU A 23 12.76 19.47 -33.36
CA LEU A 23 13.50 18.72 -34.37
C LEU A 23 13.59 17.24 -34.03
N LEU A 24 13.77 16.92 -32.74
CA LEU A 24 13.84 15.53 -32.32
C LEU A 24 12.50 14.83 -32.31
N SER A 25 11.40 15.57 -32.45
CA SER A 25 10.07 15.00 -32.49
C SER A 25 9.68 14.49 -33.87
N MET A 26 10.56 14.63 -34.87
CA MET A 26 10.28 14.18 -36.23
C MET A 26 11.51 13.49 -36.81
N PRO A 27 11.30 12.44 -37.62
CA PRO A 27 12.44 11.77 -38.26
C PRO A 27 13.04 12.58 -39.39
N VAL A 28 13.88 13.54 -39.06
CA VAL A 28 14.47 14.44 -40.05
C VAL A 28 15.69 13.80 -40.68
N ARG A 29 16.70 13.51 -39.87
CA ARG A 29 18.04 13.02 -40.20
C ARG A 29 18.91 14.12 -40.80
N THR A 30 18.34 15.28 -41.19
CA THR A 30 19.13 16.47 -41.51
C THR A 30 20.14 16.24 -42.62
N GLY A 31 19.71 16.17 -43.87
CA GLY A 31 20.64 15.88 -44.95
C GLY A 31 21.11 14.44 -45.04
N ASP A 32 20.21 13.50 -45.38
CA ASP A 32 18.99 13.77 -46.14
C ASP A 32 18.15 12.53 -46.39
N THR A 33 16.99 12.73 -47.02
CA THR A 33 16.23 11.74 -47.77
C THR A 33 15.04 12.43 -48.43
N VAL A 34 14.54 11.87 -49.53
CA VAL A 34 13.50 12.52 -50.34
C VAL A 34 12.12 11.91 -50.11
N ASN A 35 11.99 10.91 -49.25
CA ASN A 35 10.78 10.09 -49.21
C ASN A 35 9.54 10.94 -48.97
N ASP A 36 8.56 10.80 -49.86
CA ASP A 36 7.30 11.53 -49.75
C ASP A 36 6.30 10.85 -48.83
N GLU A 37 6.62 9.68 -48.30
CA GLU A 37 5.90 9.16 -47.15
C GLU A 37 6.43 9.74 -45.86
N ASP A 38 7.64 10.30 -45.88
CA ASP A 38 8.24 10.90 -44.70
C ASP A 38 7.75 12.33 -44.47
N ILE A 39 7.13 12.96 -45.46
CA ILE A 39 6.47 14.23 -45.18
C ILE A 39 5.13 13.98 -44.48
N SER A 40 4.45 12.89 -44.83
CA SER A 40 3.24 12.50 -44.11
C SER A 40 3.57 11.95 -42.73
N ASN A 41 4.71 11.27 -42.59
CA ASN A 41 5.10 10.74 -41.29
C ASN A 41 5.65 11.84 -40.38
N THR A 42 6.47 12.75 -40.92
CA THR A 42 6.95 13.87 -40.12
C THR A 42 5.82 14.82 -39.77
N ILE A 43 4.93 15.10 -40.72
CA ILE A 43 3.78 15.94 -40.41
C ILE A 43 2.85 15.24 -39.44
N ARG A 44 2.80 13.90 -39.49
CA ARG A 44 1.94 13.16 -38.58
C ARG A 44 2.52 13.16 -37.16
N ALA A 45 3.84 13.12 -37.05
CA ALA A 45 4.48 13.17 -35.73
C ALA A 45 4.38 14.57 -35.14
N LEU A 46 4.63 15.60 -35.97
CA LEU A 46 4.49 16.97 -35.50
C LEU A 46 3.06 17.24 -35.05
N PHE A 47 2.08 16.76 -35.81
CA PHE A 47 0.69 16.83 -35.34
C PHE A 47 0.45 15.96 -34.11
N ALA A 48 1.27 14.92 -33.92
CA ALA A 48 1.11 14.05 -32.76
C ALA A 48 1.70 14.66 -31.49
N THR A 49 2.58 15.66 -31.62
CA THR A 49 3.11 16.32 -30.44
C THR A 49 2.03 17.10 -29.69
N GLY A 50 1.00 17.56 -30.40
CA GLY A 50 -0.06 18.32 -29.79
C GLY A 50 0.23 19.77 -29.54
N ASN A 51 1.30 20.31 -30.12
CA ASN A 51 1.68 21.70 -29.93
C ASN A 51 1.20 22.62 -31.04
N PHE A 52 0.47 22.11 -32.03
CA PHE A 52 0.16 22.89 -33.21
C PHE A 52 -1.29 22.73 -33.62
N GLU A 53 -1.91 23.83 -34.03
CA GLU A 53 -3.23 23.78 -34.64
C GLU A 53 -3.15 23.41 -36.12
N ASP A 54 -2.09 23.81 -36.80
CA ASP A 54 -1.90 23.47 -38.21
C ASP A 54 -0.40 23.41 -38.49
N VAL A 55 -0.03 22.50 -39.40
CA VAL A 55 1.37 22.29 -39.77
C VAL A 55 1.43 22.05 -41.28
N ARG A 56 2.35 22.72 -41.95
CA ARG A 56 2.64 22.50 -43.36
C ARG A 56 4.10 22.12 -43.53
N VAL A 57 4.37 21.35 -44.59
CA VAL A 57 5.74 21.00 -44.98
C VAL A 57 5.87 21.26 -46.47
N LEU A 58 6.73 22.20 -46.84
CA LEU A 58 6.97 22.54 -48.24
C LEU A 58 8.47 22.54 -48.50
N ARG A 59 8.82 22.39 -49.77
CA ARG A 59 10.21 22.44 -50.20
C ARG A 59 10.38 23.57 -51.21
N ASP A 60 11.04 24.65 -50.80
CA ASP A 60 11.49 25.69 -51.71
C ASP A 60 12.96 25.53 -52.10
N GLY A 61 13.64 24.54 -51.54
CA GLY A 61 15.05 24.33 -51.80
C GLY A 61 15.33 23.24 -52.82
N ASP A 62 16.46 22.50 -52.72
CA ASP A 62 17.48 22.54 -51.67
C ASP A 62 16.94 22.34 -50.26
N THR A 63 17.10 23.34 -49.39
CA THR A 63 16.67 23.21 -48.00
C THR A 63 15.17 23.08 -47.90
N LEU A 64 14.71 22.42 -46.83
CA LEU A 64 13.30 22.15 -46.62
C LEU A 64 12.67 23.23 -45.76
N LEU A 65 11.43 23.56 -46.07
CA LEU A 65 10.68 24.59 -45.36
C LEU A 65 9.60 23.96 -44.49
N VAL A 66 9.35 24.59 -43.34
CA VAL A 66 8.31 24.14 -42.42
C VAL A 66 7.36 25.31 -42.17
N GLN A 67 6.14 24.97 -41.77
CA GLN A 67 5.17 25.95 -41.33
C GLN A 67 4.52 25.47 -40.05
N VAL A 68 4.35 26.38 -39.09
CA VAL A 68 3.82 26.04 -37.77
C VAL A 68 2.81 27.11 -37.37
N LYS A 69 1.59 26.68 -37.06
CA LYS A 69 0.61 27.51 -36.37
C LYS A 69 0.55 26.98 -34.94
N GLU A 70 1.06 27.75 -33.99
CA GLU A 70 1.23 27.27 -32.63
C GLU A 70 -0.11 27.07 -31.95
N ARG A 71 -0.16 26.12 -31.04
CA ARG A 71 -1.38 25.86 -30.30
C ARG A 71 -1.60 26.96 -29.27
N PRO A 72 -2.82 27.47 -29.14
CA PRO A 72 -3.09 28.52 -28.16
C PRO A 72 -2.79 28.08 -26.74
N THR A 73 -2.20 28.98 -25.97
CA THR A 73 -2.01 28.81 -24.53
C THR A 73 -3.10 29.63 -23.84
N ILE A 74 -4.06 28.95 -23.22
CA ILE A 74 -5.22 29.61 -22.65
C ILE A 74 -4.81 30.43 -21.45
N ALA A 75 -5.18 31.72 -21.46
CA ALA A 75 -4.85 32.60 -20.34
C ALA A 75 -5.74 32.35 -19.13
N SER A 76 -7.06 32.34 -19.33
CA SER A 76 -7.98 32.07 -18.23
C SER A 76 -9.21 31.34 -18.75
N ILE A 77 -9.67 30.35 -18.00
CA ILE A 77 -10.96 29.69 -18.27
C ILE A 77 -11.99 30.33 -17.36
N THR A 78 -12.92 31.09 -17.93
CA THR A 78 -13.95 31.76 -17.17
C THR A 78 -15.24 31.00 -17.35
N PHE A 79 -15.70 30.35 -16.28
CA PHE A 79 -17.01 29.71 -16.30
C PHE A 79 -18.00 30.76 -15.79
N SER A 80 -18.86 31.24 -16.68
CA SER A 80 -19.64 32.43 -16.43
C SER A 80 -20.64 32.68 -17.56
N MET A 89 -16.54 24.56 -7.34
CA MET A 89 -17.13 23.39 -7.97
C MET A 89 -17.44 23.66 -9.44
N LEU A 90 -17.47 24.95 -9.81
CA LEU A 90 -17.75 25.31 -11.19
C LEU A 90 -16.60 24.94 -12.12
N LYS A 91 -15.38 24.93 -11.62
CA LYS A 91 -14.22 24.49 -12.38
C LYS A 91 -13.86 23.03 -12.16
N GLN A 92 -14.67 22.30 -11.40
CA GLN A 92 -14.35 20.92 -11.05
C GLN A 92 -14.22 20.04 -12.28
N ASN A 93 -15.24 20.04 -13.14
CA ASN A 93 -15.21 19.19 -14.31
C ASN A 93 -14.20 19.70 -15.34
N LEU A 94 -13.90 21.00 -15.33
CA LEU A 94 -12.97 21.57 -16.29
C LEU A 94 -11.52 21.24 -15.94
N GLU A 95 -11.15 21.38 -14.66
CA GLU A 95 -9.78 21.12 -14.22
C GLU A 95 -9.40 19.65 -14.29
N ALA A 96 -10.35 18.76 -14.58
CA ALA A 96 -10.14 17.32 -14.57
C ALA A 96 -10.17 16.71 -15.97
N SER A 97 -11.28 16.85 -16.67
CA SER A 97 -11.57 16.09 -17.90
C SER A 97 -10.44 15.98 -18.96
N GLY A 98 -9.77 17.06 -19.35
CA GLY A 98 -9.97 18.42 -18.90
C GLY A 98 -8.72 19.24 -19.14
N VAL A 99 -8.82 20.54 -18.95
CA VAL A 99 -7.69 21.45 -19.12
C VAL A 99 -7.74 22.50 -18.01
N ARG A 100 -6.62 22.66 -17.31
CA ARG A 100 -6.41 23.78 -16.42
C ARG A 100 -5.83 24.94 -17.24
N VAL A 101 -5.36 25.98 -16.56
CA VAL A 101 -4.44 26.90 -17.22
C VAL A 101 -3.23 26.12 -17.71
N GLY A 102 -2.71 26.52 -18.85
CA GLY A 102 -1.77 25.67 -19.56
C GLY A 102 -2.38 25.02 -20.79
N GLU A 103 -1.66 24.03 -21.30
CA GLU A 103 -1.82 23.48 -22.64
C GLU A 103 -1.61 24.66 -23.62
N SER A 104 -2.09 24.77 -24.88
CA SER A 104 -2.64 23.80 -25.85
C SER A 104 -4.04 23.16 -25.73
N LEU A 105 -5.06 23.98 -25.97
CA LEU A 105 -6.38 23.51 -26.36
C LEU A 105 -6.62 23.90 -27.82
N ASP A 106 -7.40 23.09 -28.53
CA ASP A 106 -7.54 23.23 -29.98
C ASP A 106 -8.97 22.90 -30.40
N ARG A 107 -9.17 22.73 -31.71
CA ARG A 107 -10.51 22.62 -32.28
C ARG A 107 -11.30 21.46 -31.67
N THR A 108 -10.65 20.31 -31.46
CA THR A 108 -11.37 19.15 -30.93
C THR A 108 -11.92 19.39 -29.54
N THR A 109 -11.36 20.35 -28.80
CA THR A 109 -11.91 20.71 -27.49
C THR A 109 -13.36 21.15 -27.61
N ILE A 110 -13.60 22.27 -28.32
CA ILE A 110 -14.93 22.86 -28.40
C ILE A 110 -15.97 21.85 -28.84
N ALA A 111 -15.57 20.84 -29.61
CA ALA A 111 -16.44 19.70 -29.86
C ALA A 111 -16.81 19.00 -28.56
N ASP A 112 -15.81 18.43 -27.87
CA ASP A 112 -16.07 17.64 -26.68
C ASP A 112 -16.26 18.48 -25.43
N ILE A 113 -15.76 19.73 -25.39
CA ILE A 113 -15.92 20.53 -24.19
C ILE A 113 -17.34 21.08 -24.10
N GLU A 114 -18.03 21.23 -25.23
CA GLU A 114 -19.43 21.65 -25.21
C GLU A 114 -20.31 20.52 -24.72
N LYS A 115 -20.20 19.34 -25.34
CA LYS A 115 -21.05 18.22 -24.98
C LYS A 115 -20.72 17.70 -23.58
N GLY A 116 -19.45 17.71 -23.20
CA GLY A 116 -19.07 17.28 -21.87
C GLY A 116 -19.65 18.17 -20.78
N LEU A 117 -19.64 19.48 -21.00
CA LEU A 117 -20.24 20.39 -20.03
C LEU A 117 -21.77 20.31 -20.06
N GLU A 118 -22.35 20.00 -21.22
CA GLU A 118 -23.80 19.84 -21.29
C GLU A 118 -24.25 18.61 -20.51
N ASP A 119 -23.57 17.48 -20.70
CA ASP A 119 -23.93 16.26 -19.98
C ASP A 119 -23.46 16.27 -18.53
N PHE A 120 -22.52 17.14 -18.18
CA PHE A 120 -22.02 17.21 -16.81
C PHE A 120 -22.88 18.08 -15.90
N TYR A 121 -23.85 18.82 -16.46
CA TYR A 121 -24.70 19.69 -15.67
C TYR A 121 -26.02 19.04 -15.25
N TYR A 122 -26.24 17.78 -15.63
CA TYR A 122 -27.49 17.10 -15.32
C TYR A 122 -27.47 16.39 -13.97
N SER A 123 -26.32 16.31 -13.32
CA SER A 123 -26.18 15.61 -12.05
C SER A 123 -26.07 16.59 -10.90
N VAL A 124 -26.66 16.23 -9.77
CA VAL A 124 -26.62 17.03 -8.53
C VAL A 124 -27.01 18.48 -8.79
N SER A 128 -31.09 22.20 -16.08
CA SER A 128 -30.06 21.87 -17.06
C SER A 128 -29.62 23.13 -17.79
N ALA A 129 -28.81 22.96 -18.84
CA ALA A 129 -28.32 24.09 -19.61
C ALA A 129 -27.90 23.64 -20.99
N SER A 130 -27.88 24.59 -21.92
CA SER A 130 -27.27 24.41 -23.24
C SER A 130 -26.17 25.45 -23.35
N VAL A 131 -24.92 24.99 -23.39
CA VAL A 131 -23.78 25.88 -23.22
C VAL A 131 -23.24 26.35 -24.56
N LYS A 132 -22.24 27.22 -24.52
CA LYS A 132 -21.55 27.72 -25.70
C LYS A 132 -20.09 27.93 -25.35
N ALA A 133 -19.30 28.33 -26.35
CA ALA A 133 -17.86 28.52 -26.18
C ALA A 133 -17.46 29.85 -26.78
N VAL A 134 -16.74 30.65 -26.00
CA VAL A 134 -16.27 31.96 -26.42
C VAL A 134 -14.74 31.91 -26.50
N VAL A 135 -14.21 32.06 -27.70
CA VAL A 135 -12.76 32.09 -27.93
C VAL A 135 -12.40 33.52 -28.34
N THR A 136 -11.75 34.24 -27.45
CA THR A 136 -11.30 35.61 -27.74
C THR A 136 -9.78 35.66 -27.72
N PRO A 137 -9.12 35.79 -28.86
CA PRO A 137 -7.65 35.83 -28.87
C PRO A 137 -7.14 37.13 -28.25
N LEU A 138 -6.25 36.99 -27.27
CA LEU A 138 -5.42 38.03 -26.69
C LEU A 138 -4.06 38.05 -27.35
N PRO A 139 -3.30 39.16 -27.23
CA PRO A 139 -1.91 39.17 -27.72
C PRO A 139 -1.02 38.14 -27.04
N ARG A 140 0.28 38.19 -27.30
CA ARG A 140 1.24 37.14 -26.88
C ARG A 140 0.80 35.87 -27.59
N ASN A 141 0.48 34.79 -26.88
CA ASN A 141 0.03 33.56 -27.54
C ASN A 141 -1.49 33.44 -27.42
N ARG A 142 -2.17 33.71 -28.54
CA ARG A 142 -3.55 33.31 -28.85
C ARG A 142 -4.51 33.61 -27.70
N VAL A 143 -5.35 32.65 -27.28
CA VAL A 143 -6.73 32.96 -26.90
C VAL A 143 -7.03 32.95 -25.41
N ASP A 144 -8.29 33.27 -25.09
CA ASP A 144 -8.88 33.18 -23.76
C ASP A 144 -10.33 32.76 -23.92
N LEU A 145 -10.80 31.87 -23.05
CA LEU A 145 -12.10 31.24 -23.22
C LEU A 145 -13.10 31.75 -22.19
N LYS A 146 -14.36 31.87 -22.61
CA LYS A 146 -15.46 32.23 -21.73
C LYS A 146 -16.63 31.31 -22.06
N LEU A 147 -17.14 30.60 -21.04
CA LEU A 147 -18.20 29.62 -21.22
C LEU A 147 -19.50 30.18 -20.67
N VAL A 148 -20.51 30.27 -21.53
CA VAL A 148 -21.81 30.82 -21.17
C VAL A 148 -22.84 29.71 -21.21
N PHE A 149 -23.87 29.83 -20.37
CA PHE A 149 -24.88 28.81 -20.16
C PHE A 149 -26.25 29.32 -20.60
N GLN A 150 -27.27 28.47 -20.46
CA GLN A 150 -28.64 28.81 -20.82
C GLN A 150 -29.59 28.25 -19.77
N GLU A 151 -30.72 28.93 -19.59
CA GLU A 151 -31.68 28.58 -18.54
C GLU A 151 -32.19 27.15 -18.65
N GLY A 152 -33.04 26.88 -19.64
CA GLY A 152 -33.63 25.56 -19.77
C GLY A 152 -33.13 24.76 -20.96
N VAL A 153 -33.80 23.66 -21.27
CA VAL A 153 -34.89 23.14 -20.44
C VAL A 153 -34.41 21.91 -19.70
N SER A 154 -35.30 21.25 -18.96
CA SER A 154 -34.99 19.97 -18.32
C SER A 154 -35.83 18.87 -18.95
N ALA A 155 -35.54 17.63 -18.55
CA ALA A 155 -36.28 16.48 -19.03
C ALA A 155 -36.41 15.45 -17.91
N GLU A 156 -37.64 15.02 -17.62
CA GLU A 156 -37.83 13.86 -16.75
C GLU A 156 -38.91 12.94 -17.30
N ILE A 157 -38.50 11.75 -17.76
CA ILE A 157 -39.19 10.50 -17.51
C ILE A 157 -40.71 10.61 -17.55
N GLN A 158 -41.28 11.18 -18.62
CA GLN A 158 -42.71 11.44 -18.61
C GLN A 158 -43.51 10.15 -18.70
N GLN A 159 -43.47 9.50 -19.86
CA GLN A 159 -44.14 8.21 -20.04
C GLN A 159 -43.26 7.31 -20.89
N ILE A 160 -42.99 6.11 -20.39
CA ILE A 160 -42.17 5.13 -21.09
C ILE A 160 -42.85 3.77 -20.98
N ASN A 161 -42.98 3.08 -22.10
CA ASN A 161 -43.66 1.79 -22.11
C ASN A 161 -43.22 0.99 -23.34
N ILE A 162 -43.43 -0.32 -23.26
CA ILE A 162 -43.28 -1.22 -24.40
C ILE A 162 -44.64 -1.35 -25.07
N VAL A 163 -44.79 -2.30 -25.98
CA VAL A 163 -46.03 -2.31 -26.77
C VAL A 163 -47.06 -3.42 -26.43
N GLY A 164 -46.90 -4.68 -26.83
CA GLY A 164 -45.66 -5.37 -27.18
C GLY A 164 -45.26 -6.55 -26.32
N ASN A 165 -45.94 -6.75 -25.18
CA ASN A 165 -45.65 -7.89 -24.32
C ASN A 165 -46.76 -8.95 -24.41
N HIS A 166 -47.94 -8.65 -23.88
CA HIS A 166 -49.09 -9.55 -23.74
C HIS A 166 -48.86 -10.56 -22.63
N ALA A 167 -47.59 -10.79 -22.26
CA ALA A 167 -47.24 -11.43 -21.00
C ALA A 167 -45.83 -11.00 -20.58
N PHE A 168 -45.64 -10.71 -19.30
CA PHE A 168 -46.74 -10.49 -18.37
C PHE A 168 -47.22 -9.05 -18.55
N THR A 169 -48.05 -8.57 -17.62
CA THR A 169 -48.55 -7.20 -17.72
C THR A 169 -47.40 -6.21 -17.81
N THR A 170 -47.63 -5.12 -18.56
CA THR A 170 -46.58 -4.13 -18.78
C THR A 170 -46.05 -3.57 -17.47
N ASP A 171 -46.94 -3.23 -16.54
CA ASP A 171 -46.51 -2.75 -15.23
C ASP A 171 -45.69 -3.82 -14.51
N GLU A 172 -46.06 -5.09 -14.67
CA GLU A 172 -45.27 -6.17 -14.09
C GLU A 172 -43.94 -6.35 -14.80
N LEU A 173 -43.84 -5.93 -16.06
CA LEU A 173 -42.62 -6.16 -16.84
C LEU A 173 -41.53 -5.16 -16.46
N ILE A 174 -41.90 -3.93 -16.16
CA ILE A 174 -40.93 -2.87 -15.84
C ILE A 174 -40.75 -2.82 -14.33
N SER A 175 -39.49 -2.94 -13.90
CA SER A 175 -39.18 -2.57 -12.52
C SER A 175 -38.16 -1.39 -12.56
N HIS A 176 -36.93 -1.53 -13.07
CA HIS A 176 -36.16 -2.76 -13.24
C HIS A 176 -34.95 -2.58 -12.33
N PHE A 177 -33.96 -1.82 -12.81
CA PHE A 177 -33.16 -0.96 -11.95
C PHE A 177 -33.62 0.50 -12.01
N GLN A 178 -34.45 0.84 -12.99
CA GLN A 178 -34.93 2.19 -13.34
C GLN A 178 -36.25 1.91 -14.12
N LEU A 179 -36.88 2.87 -14.83
CA LEU A 179 -36.79 4.32 -14.65
C LEU A 179 -37.99 4.97 -13.94
N ARG A 180 -39.02 4.19 -13.62
CA ARG A 180 -40.16 4.67 -12.84
C ARG A 180 -40.93 5.87 -13.40
N ASP A 181 -41.75 5.69 -14.45
CA ASP A 181 -42.71 6.77 -14.77
C ASP A 181 -44.19 6.38 -14.62
N GLU A 182 -44.93 6.87 -13.61
CA GLU A 182 -44.47 7.39 -12.30
C GLU A 182 -45.71 7.38 -11.38
N VAL A 183 -45.52 7.68 -10.08
CA VAL A 183 -46.63 7.76 -9.13
C VAL A 183 -46.13 8.12 -7.72
N PRO A 184 -46.82 9.02 -7.00
CA PRO A 184 -46.68 9.31 -5.57
C PRO A 184 -47.65 8.45 -4.73
N TRP A 185 -47.64 8.48 -3.39
CA TRP A 185 -46.67 9.14 -2.52
C TRP A 185 -46.50 8.23 -1.29
N TRP A 186 -45.55 8.50 -0.39
CA TRP A 186 -44.46 9.45 -0.58
C TRP A 186 -43.24 8.73 -1.13
N ASN A 187 -42.67 9.28 -2.19
CA ASN A 187 -41.52 8.70 -2.86
C ASN A 187 -40.25 9.48 -2.52
N VAL A 188 -39.13 8.77 -2.49
CA VAL A 188 -37.84 9.34 -2.16
C VAL A 188 -36.89 9.08 -3.31
N VAL A 189 -35.61 9.41 -3.13
CA VAL A 189 -34.58 9.28 -4.16
C VAL A 189 -34.99 10.12 -5.37
N GLY A 190 -35.16 9.47 -6.53
CA GLY A 190 -35.44 10.17 -7.76
C GLY A 190 -34.19 10.75 -8.40
N ASP A 191 -34.33 11.33 -9.58
CA ASP A 191 -35.60 11.41 -10.28
C ASP A 191 -35.47 10.92 -11.72
N ARG A 192 -34.73 11.68 -12.52
CA ARG A 192 -34.53 11.35 -13.93
C ARG A 192 -33.34 10.39 -14.07
N LYS A 193 -33.05 10.02 -15.32
CA LYS A 193 -32.00 9.07 -15.65
C LYS A 193 -31.93 8.94 -17.17
N TYR A 194 -30.82 8.39 -17.66
CA TYR A 194 -30.61 8.13 -19.08
C TYR A 194 -29.26 7.46 -19.27
N GLN A 195 -29.10 6.80 -20.42
CA GLN A 195 -27.83 6.26 -20.89
C GLN A 195 -27.16 5.29 -19.94
N LYS A 196 -25.99 5.67 -19.41
CA LYS A 196 -24.89 4.75 -19.09
C LYS A 196 -25.34 3.46 -18.39
N GLN A 197 -25.73 3.53 -17.12
CA GLN A 197 -26.26 2.36 -16.44
C GLN A 197 -27.77 2.33 -16.37
N LYS A 198 -28.44 3.34 -16.93
CA LYS A 198 -29.88 3.46 -16.71
C LYS A 198 -30.70 2.72 -17.77
N LEU A 199 -30.79 3.29 -18.98
CA LEU A 199 -31.66 2.72 -19.99
C LEU A 199 -31.02 1.55 -20.71
N ALA A 200 -29.70 1.58 -20.91
CA ALA A 200 -29.03 0.42 -21.50
C ALA A 200 -28.98 -0.74 -20.52
N GLY A 201 -28.64 -0.46 -19.27
CA GLY A 201 -28.59 -1.51 -18.27
C GLY A 201 -29.95 -2.11 -17.97
N ASP A 202 -30.99 -1.27 -17.96
CA ASP A 202 -32.33 -1.78 -17.72
C ASP A 202 -32.93 -2.43 -18.95
N LEU A 203 -32.51 -2.02 -20.15
CA LEU A 203 -32.88 -2.77 -21.34
C LEU A 203 -32.25 -4.16 -21.32
N GLU A 204 -30.99 -4.23 -20.85
CA GLU A 204 -30.37 -5.53 -20.62
C GLU A 204 -31.08 -6.30 -19.52
N THR A 205 -31.67 -5.59 -18.55
CA THR A 205 -32.42 -6.27 -17.50
C THR A 205 -33.72 -6.85 -18.04
N LEU A 206 -34.39 -6.12 -18.94
CA LEU A 206 -35.59 -6.65 -19.59
C LEU A 206 -35.24 -7.83 -20.48
N ARG A 207 -34.10 -7.75 -21.18
CA ARG A 207 -33.67 -8.86 -22.01
C ARG A 207 -33.36 -10.09 -21.16
N SER A 208 -32.70 -9.90 -20.03
CA SER A 208 -32.40 -11.01 -19.14
C SER A 208 -33.66 -11.59 -18.51
N TYR A 209 -34.65 -10.74 -18.23
CA TYR A 209 -35.90 -11.23 -17.67
C TYR A 209 -36.67 -12.05 -18.69
N TYR A 210 -36.86 -11.50 -19.89
CA TYR A 210 -37.64 -12.20 -20.92
C TYR A 210 -36.95 -13.48 -21.34
N LEU A 211 -35.62 -13.44 -21.51
CA LEU A 211 -34.88 -14.65 -21.87
C LEU A 211 -34.67 -15.58 -20.68
N ASP A 212 -34.98 -15.13 -19.46
CA ASP A 212 -34.72 -15.94 -18.28
C ASP A 212 -35.74 -17.07 -18.13
N ARG A 213 -37.03 -16.75 -18.20
CA ARG A 213 -38.08 -17.75 -18.10
C ARG A 213 -38.63 -18.02 -19.49
N GLY A 214 -38.30 -19.18 -20.05
CA GLY A 214 -38.70 -19.54 -21.40
C GLY A 214 -38.31 -18.47 -22.39
N TYR A 215 -39.15 -18.32 -23.41
CA TYR A 215 -39.07 -17.22 -24.38
C TYR A 215 -37.66 -17.10 -24.98
N ALA A 216 -37.31 -18.13 -25.75
CA ALA A 216 -36.05 -18.11 -26.47
C ALA A 216 -36.17 -17.22 -27.71
N ARG A 217 -35.05 -17.07 -28.44
CA ARG A 217 -34.95 -16.27 -29.65
C ARG A 217 -35.65 -14.91 -29.51
N PHE A 218 -35.51 -14.31 -28.33
CA PHE A 218 -36.13 -13.04 -28.01
C PHE A 218 -35.20 -11.90 -28.39
N ASN A 219 -35.63 -11.06 -29.33
CA ASN A 219 -34.80 -9.99 -29.87
C ASN A 219 -35.54 -8.67 -29.83
N ILE A 220 -34.92 -7.66 -29.23
CA ILE A 220 -35.48 -6.32 -29.16
C ILE A 220 -35.22 -5.61 -30.49
N ASP A 221 -36.27 -5.02 -31.06
CA ASP A 221 -36.14 -4.32 -32.34
C ASP A 221 -35.90 -2.83 -32.06
N SER A 222 -34.66 -2.39 -32.32
CA SER A 222 -34.23 -1.00 -32.20
C SER A 222 -34.64 -0.37 -30.87
N THR A 223 -35.01 0.91 -30.91
CA THR A 223 -35.52 1.65 -29.76
C THR A 223 -36.23 2.88 -30.28
N GLN A 224 -37.05 3.48 -29.42
CA GLN A 224 -37.74 4.73 -29.74
C GLN A 224 -37.40 5.76 -28.67
N VAL A 225 -36.72 6.83 -29.09
CA VAL A 225 -36.36 7.94 -28.22
C VAL A 225 -36.89 9.22 -28.86
N SER A 226 -37.79 9.91 -28.15
CA SER A 226 -38.42 11.09 -28.71
C SER A 226 -38.49 12.18 -27.65
N LEU A 227 -38.33 13.42 -28.09
CA LEU A 227 -38.39 14.59 -27.21
C LEU A 227 -39.72 15.31 -27.36
N THR A 228 -40.20 15.85 -26.25
CA THR A 228 -41.39 16.69 -26.30
C THR A 228 -41.08 17.98 -27.05
N PRO A 229 -41.97 18.44 -27.93
CA PRO A 229 -41.72 19.72 -28.61
C PRO A 229 -41.51 20.88 -27.65
N ASP A 230 -42.20 20.87 -26.51
CA ASP A 230 -41.95 21.83 -25.45
C ASP A 230 -40.71 21.49 -24.62
N LYS A 231 -40.12 20.32 -24.86
CA LYS A 231 -38.98 19.82 -24.08
C LYS A 231 -39.35 19.64 -22.62
N LYS A 232 -40.63 19.36 -22.36
CA LYS A 232 -41.11 19.10 -21.00
C LYS A 232 -41.14 17.62 -20.66
N GLY A 233 -40.71 16.76 -21.57
CA GLY A 233 -40.72 15.33 -21.31
C GLY A 233 -39.93 14.58 -22.37
N ILE A 234 -39.66 13.32 -22.08
CA ILE A 234 -38.89 12.46 -22.98
C ILE A 234 -39.55 11.08 -22.99
N TYR A 235 -39.83 10.56 -24.18
CA TYR A 235 -40.53 9.30 -24.35
C TYR A 235 -39.59 8.23 -24.89
N VAL A 236 -39.69 7.03 -24.32
CA VAL A 236 -38.91 5.87 -24.73
C VAL A 236 -39.86 4.71 -24.98
N THR A 237 -39.53 3.88 -25.97
CA THR A 237 -40.37 2.74 -26.33
C THR A 237 -39.48 1.61 -26.82
N VAL A 238 -39.87 0.38 -26.50
CA VAL A 238 -39.15 -0.83 -26.89
C VAL A 238 -40.11 -1.73 -27.66
N ASN A 239 -39.63 -2.31 -28.76
CA ASN A 239 -40.46 -3.08 -29.69
C ASN A 239 -40.03 -4.55 -29.65
N ILE A 240 -40.96 -5.42 -29.25
CA ILE A 240 -40.73 -6.87 -29.22
C ILE A 240 -42.06 -7.58 -29.55
N THR A 241 -42.11 -8.68 -30.33
CA THR A 241 -41.09 -9.72 -30.66
C THR A 241 -40.64 -10.58 -29.46
N GLU A 242 -41.55 -11.47 -29.02
CA GLU A 242 -41.29 -12.36 -27.90
C GLU A 242 -40.54 -13.63 -28.31
N GLY A 243 -41.16 -14.43 -29.19
CA GLY A 243 -40.63 -15.74 -29.55
C GLY A 243 -40.94 -16.94 -28.66
N ASP A 244 -42.22 -17.10 -28.31
CA ASP A 244 -42.83 -18.35 -27.81
C ASP A 244 -42.13 -18.82 -26.52
N GLN A 245 -41.86 -20.12 -26.37
CA GLN A 245 -41.47 -20.71 -25.09
C GLN A 245 -40.19 -21.55 -25.18
N TYR A 246 -40.27 -22.69 -25.86
CA TYR A 246 -39.11 -23.54 -26.15
C TYR A 246 -38.46 -24.07 -24.86
N LYS A 247 -39.15 -25.01 -24.22
CA LYS A 247 -38.61 -25.67 -23.03
C LYS A 247 -37.41 -26.55 -23.40
N LEU A 248 -36.30 -26.36 -22.69
CA LEU A 248 -35.01 -26.93 -23.07
C LEU A 248 -35.04 -28.46 -23.10
N SER A 249 -34.29 -29.04 -24.04
CA SER A 249 -33.97 -30.46 -24.03
C SER A 249 -32.50 -30.64 -24.36
N GLY A 250 -31.72 -31.15 -23.40
CA GLY A 250 -30.36 -31.62 -23.66
C GLY A 250 -29.32 -30.54 -23.89
N VAL A 251 -28.05 -30.92 -23.77
CA VAL A 251 -26.91 -30.05 -24.02
C VAL A 251 -25.83 -30.86 -24.73
N GLU A 252 -25.09 -30.19 -25.62
CA GLU A 252 -23.99 -30.83 -26.35
C GLU A 252 -22.79 -29.91 -26.33
N VAL A 253 -21.67 -30.39 -25.78
CA VAL A 253 -20.42 -29.63 -25.72
C VAL A 253 -19.51 -30.12 -26.84
N SER A 254 -19.03 -29.19 -27.66
CA SER A 254 -18.15 -29.50 -28.78
C SER A 254 -16.93 -28.60 -28.73
N GLY A 255 -15.76 -29.19 -28.53
CA GLY A 255 -14.53 -28.44 -28.57
C GLY A 255 -13.46 -29.09 -27.70
N ASN A 256 -12.50 -28.25 -27.31
CA ASN A 256 -11.35 -28.64 -26.50
C ASN A 256 -11.80 -28.90 -25.04
N LEU A 257 -10.96 -29.33 -24.10
CA LEU A 257 -9.52 -29.61 -24.20
C LEU A 257 -9.15 -30.74 -23.23
N ALA A 258 -7.84 -30.83 -22.93
CA ALA A 258 -7.29 -31.78 -21.98
C ALA A 258 -7.80 -31.54 -20.55
N GLY A 259 -8.60 -30.50 -20.35
CA GLY A 259 -9.17 -30.17 -19.06
C GLY A 259 -9.81 -31.18 -18.11
N HIS A 260 -10.68 -32.09 -18.58
CA HIS A 260 -11.04 -32.25 -19.98
C HIS A 260 -12.55 -32.29 -20.25
N SER A 261 -13.21 -33.35 -19.82
CA SER A 261 -14.58 -33.65 -20.23
C SER A 261 -15.47 -33.95 -19.03
N ALA A 262 -15.13 -35.00 -18.29
CA ALA A 262 -16.00 -35.52 -17.22
C ALA A 262 -16.51 -34.42 -16.30
N GLU A 263 -15.66 -33.45 -15.97
CA GLU A 263 -16.12 -32.32 -15.17
C GLU A 263 -17.04 -31.41 -15.97
N ILE A 264 -16.64 -31.09 -17.21
CA ILE A 264 -17.50 -30.31 -18.09
C ILE A 264 -18.81 -31.04 -18.35
N GLU A 265 -18.72 -32.37 -18.56
CA GLU A 265 -19.93 -33.15 -18.79
C GLU A 265 -20.84 -33.15 -17.56
N GLN A 266 -20.23 -33.20 -16.37
CA GLN A 266 -21.02 -33.16 -15.14
C GLN A 266 -21.59 -31.78 -14.86
N LEU A 267 -21.02 -30.73 -15.46
CA LEU A 267 -21.56 -29.39 -15.30
C LEU A 267 -22.77 -29.13 -16.18
N THR A 268 -22.97 -29.94 -17.23
CA THR A 268 -24.08 -29.81 -18.15
C THR A 268 -25.28 -30.69 -17.77
N LYS A 269 -25.25 -31.31 -16.58
CA LYS A 269 -26.15 -32.39 -16.23
C LYS A 269 -27.63 -31.99 -16.21
N ILE A 270 -27.96 -30.72 -16.40
CA ILE A 270 -29.37 -30.29 -16.38
C ILE A 270 -30.18 -31.17 -17.30
N GLU A 271 -31.33 -31.72 -16.76
CA GLU A 271 -32.10 -32.76 -17.43
C GLU A 271 -33.10 -32.17 -18.42
N PRO A 272 -33.48 -32.95 -19.43
CA PRO A 272 -34.48 -32.48 -20.39
C PRO A 272 -35.85 -32.32 -19.74
N GLY A 273 -36.72 -31.60 -20.44
CA GLY A 273 -38.06 -31.32 -19.97
C GLY A 273 -38.21 -30.00 -19.22
N GLU A 274 -37.11 -29.44 -18.72
CA GLU A 274 -37.16 -28.17 -18.03
C GLU A 274 -37.24 -27.03 -19.03
N LEU A 275 -37.81 -25.90 -18.58
CA LEU A 275 -37.92 -24.73 -19.43
C LEU A 275 -36.55 -24.06 -19.60
N TYR A 276 -36.42 -23.28 -20.66
CA TYR A 276 -35.16 -22.60 -20.94
C TYR A 276 -34.89 -21.53 -19.89
N ASN A 277 -33.65 -21.48 -19.40
CA ASN A 277 -33.23 -20.47 -18.44
C ASN A 277 -31.88 -19.93 -18.87
N GLY A 278 -31.82 -18.62 -19.13
CA GLY A 278 -30.59 -18.04 -19.65
C GLY A 278 -29.51 -17.88 -18.59
N THR A 279 -29.90 -17.52 -17.37
CA THR A 279 -28.93 -17.39 -16.29
C THR A 279 -28.27 -18.71 -15.94
N LYS A 280 -28.92 -19.84 -16.22
CA LYS A 280 -28.27 -21.13 -16.04
C LYS A 280 -27.30 -21.44 -17.16
N VAL A 281 -27.59 -20.96 -18.38
CA VAL A 281 -26.65 -21.11 -19.47
C VAL A 281 -25.38 -20.30 -19.21
N THR A 282 -25.56 -19.02 -18.86
CA THR A 282 -24.41 -18.19 -18.52
C THR A 282 -23.67 -18.77 -17.31
N LYS A 283 -24.43 -19.24 -16.30
CA LYS A 283 -23.81 -19.88 -15.15
C LYS A 283 -22.94 -21.05 -15.57
N MET A 284 -23.42 -21.87 -16.51
CA MET A 284 -22.60 -22.94 -17.07
C MET A 284 -21.35 -22.36 -17.74
N GLU A 285 -21.49 -21.23 -18.43
CA GLU A 285 -20.35 -20.64 -19.12
C GLU A 285 -19.24 -20.26 -18.13
N ASP A 286 -19.57 -19.41 -17.15
CA ASP A 286 -18.52 -19.00 -16.22
C ASP A 286 -18.07 -20.12 -15.30
N ASP A 287 -18.91 -21.13 -15.07
CA ASP A 287 -18.45 -22.30 -14.34
C ASP A 287 -17.39 -23.07 -15.12
N ILE A 288 -17.62 -23.25 -16.42
CA ILE A 288 -16.60 -23.88 -17.27
C ILE A 288 -15.33 -23.03 -17.30
N LYS A 289 -15.50 -21.71 -17.38
CA LYS A 289 -14.33 -20.83 -17.44
C LYS A 289 -13.51 -20.89 -16.15
N LYS A 290 -14.19 -21.02 -15.00
CA LYS A 290 -13.47 -21.18 -13.74
C LYS A 290 -12.79 -22.54 -13.68
N LEU A 291 -13.49 -23.59 -14.12
CA LEU A 291 -12.90 -24.92 -14.20
C LEU A 291 -11.60 -24.90 -14.97
N LEU A 292 -11.66 -24.56 -16.26
CA LEU A 292 -10.46 -24.42 -17.06
C LEU A 292 -9.46 -23.43 -16.45
N GLY A 293 -9.94 -22.47 -15.66
CA GLY A 293 -9.04 -21.55 -15.00
C GLY A 293 -8.22 -22.21 -13.92
N ARG A 294 -8.76 -23.25 -13.27
CA ARG A 294 -7.99 -23.95 -12.24
C ARG A 294 -6.80 -24.69 -12.83
N TYR A 295 -6.96 -25.23 -14.05
CA TYR A 295 -5.94 -26.09 -14.64
C TYR A 295 -4.93 -25.30 -15.49
N GLY A 296 -4.99 -23.98 -15.49
CA GLY A 296 -4.00 -23.16 -16.14
C GLY A 296 -4.45 -22.42 -17.38
N TYR A 297 -5.66 -22.66 -17.87
CA TYR A 297 -6.16 -21.96 -19.06
C TYR A 297 -6.92 -20.73 -18.58
N ALA A 298 -6.33 -19.55 -18.78
CA ALA A 298 -6.84 -18.31 -18.21
C ALA A 298 -7.74 -17.52 -19.15
N TYR A 299 -7.81 -17.89 -20.44
CA TYR A 299 -8.64 -17.17 -21.41
C TYR A 299 -9.34 -18.18 -22.32
N PRO A 300 -10.24 -18.98 -21.76
CA PRO A 300 -10.93 -20.00 -22.56
C PRO A 300 -12.18 -19.46 -23.25
N ARG A 301 -12.04 -18.90 -24.45
CA ARG A 301 -13.19 -18.37 -25.17
C ARG A 301 -14.28 -19.43 -25.30
N VAL A 302 -15.48 -19.08 -24.82
CA VAL A 302 -16.60 -20.01 -24.72
C VAL A 302 -17.87 -19.26 -25.07
N GLN A 303 -18.70 -19.86 -25.92
CA GLN A 303 -19.97 -19.25 -26.28
C GLN A 303 -21.07 -20.32 -26.28
N SER A 304 -22.31 -19.85 -26.20
CA SER A 304 -23.49 -20.70 -26.19
C SER A 304 -24.40 -20.31 -27.33
N MET A 305 -24.76 -21.30 -28.16
CA MET A 305 -25.58 -21.11 -29.35
C MET A 305 -26.75 -22.09 -29.28
N PRO A 306 -27.90 -21.67 -28.77
CA PRO A 306 -29.05 -22.57 -28.73
C PRO A 306 -29.62 -22.81 -30.12
N GLU A 307 -30.04 -24.04 -30.36
CA GLU A 307 -30.67 -24.44 -31.61
C GLU A 307 -32.15 -24.66 -31.35
N ILE A 308 -32.98 -23.78 -31.91
CA ILE A 308 -34.41 -23.82 -31.68
C ILE A 308 -35.06 -24.90 -32.55
N ASN A 309 -36.13 -25.48 -32.04
CA ASN A 309 -36.96 -26.43 -32.78
C ASN A 309 -38.39 -25.92 -32.76
N ASP A 310 -38.93 -25.63 -33.95
CA ASP A 310 -40.28 -25.08 -34.03
C ASP A 310 -41.34 -26.17 -33.91
N ALA A 311 -41.15 -27.30 -34.58
CA ALA A 311 -42.10 -28.41 -34.46
C ALA A 311 -42.09 -28.97 -33.05
N ASP A 312 -40.90 -29.24 -32.52
CA ASP A 312 -40.76 -29.62 -31.12
C ASP A 312 -40.99 -28.43 -30.21
N LYS A 313 -41.24 -28.72 -28.94
CA LYS A 313 -41.30 -27.70 -27.90
C LYS A 313 -39.94 -27.44 -27.29
N THR A 314 -38.88 -28.02 -27.84
CA THR A 314 -37.58 -28.08 -27.19
C THR A 314 -36.53 -27.29 -27.96
N VAL A 315 -35.33 -27.23 -27.38
CA VAL A 315 -34.18 -26.54 -27.93
C VAL A 315 -32.93 -27.32 -27.52
N LYS A 316 -31.96 -27.42 -28.43
CA LYS A 316 -30.71 -28.11 -28.15
C LYS A 316 -29.58 -27.08 -28.11
N LEU A 317 -29.05 -26.83 -26.92
CA LEU A 317 -28.00 -25.84 -26.74
C LEU A 317 -26.66 -26.38 -27.23
N ARG A 318 -25.92 -25.54 -27.97
CA ARG A 318 -24.61 -25.90 -28.50
C ARG A 318 -23.55 -25.07 -27.79
N VAL A 319 -22.73 -25.73 -26.98
CA VAL A 319 -21.69 -25.07 -26.20
C VAL A 319 -20.38 -25.20 -26.95
N ASN A 320 -19.77 -24.06 -27.28
CA ASN A 320 -18.49 -24.00 -27.99
C ASN A 320 -17.41 -23.56 -27.02
N VAL A 321 -16.37 -24.38 -26.89
CA VAL A 321 -15.33 -24.20 -25.89
C VAL A 321 -13.96 -24.37 -26.54
N ASP A 322 -13.04 -23.46 -26.24
CA ASP A 322 -11.63 -23.57 -26.62
C ASP A 322 -10.77 -23.12 -25.45
N ALA A 323 -9.82 -23.97 -25.04
CA ALA A 323 -9.07 -23.70 -23.82
C ALA A 323 -7.98 -22.65 -24.02
N GLY A 324 -7.30 -22.66 -25.16
CA GLY A 324 -6.36 -21.60 -25.45
C GLY A 324 -5.06 -21.53 -24.66
N ASN A 325 -4.21 -22.55 -24.76
CA ASN A 325 -2.81 -22.40 -24.36
C ASN A 325 -2.60 -22.13 -22.86
N ARG A 326 -2.61 -23.19 -22.05
CA ARG A 326 -2.43 -23.05 -20.61
C ARG A 326 -1.27 -22.12 -20.27
N PHE A 327 -1.52 -21.22 -19.34
CA PHE A 327 -0.65 -20.07 -19.07
C PHE A 327 0.24 -20.34 -17.88
N TYR A 328 1.48 -19.85 -17.95
CA TYR A 328 2.44 -19.92 -16.87
C TYR A 328 2.53 -18.57 -16.16
N VAL A 329 3.36 -18.51 -15.12
CA VAL A 329 3.57 -17.29 -14.35
C VAL A 329 5.01 -16.84 -14.59
N ARG A 330 5.16 -15.68 -15.25
CA ARG A 330 6.49 -15.14 -15.48
C ARG A 330 7.08 -14.56 -14.21
N LYS A 331 6.34 -13.68 -13.54
CA LYS A 331 6.83 -13.02 -12.33
C LYS A 331 5.66 -12.70 -11.41
N ILE A 332 5.95 -12.67 -10.12
CA ILE A 332 4.99 -12.30 -9.08
C ILE A 332 5.55 -11.08 -8.36
N ARG A 333 4.86 -9.94 -8.49
CA ARG A 333 5.29 -8.70 -7.87
C ARG A 333 4.30 -8.27 -6.81
N PHE A 334 4.82 -7.74 -5.70
CA PHE A 334 4.00 -7.21 -4.61
C PHE A 334 4.21 -5.70 -4.53
N GLU A 335 3.17 -4.94 -4.89
CA GLU A 335 3.22 -3.49 -4.81
C GLU A 335 2.38 -3.03 -3.62
N GLY A 336 2.84 -1.96 -2.97
CA GLY A 336 2.09 -1.35 -1.89
C GLY A 336 2.62 -1.61 -0.49
N ASN A 337 3.72 -2.34 -0.33
CA ASN A 337 4.32 -2.57 0.97
C ASN A 337 5.53 -1.67 1.13
N ASP A 338 5.39 -0.61 1.93
CA ASP A 338 6.49 0.30 2.22
C ASP A 338 7.17 0.02 3.55
N THR A 339 6.66 -0.94 4.32
CA THR A 339 7.22 -1.27 5.62
C THR A 339 7.61 -2.74 5.71
N SER A 340 6.64 -3.65 5.62
CA SER A 340 6.96 -5.08 5.63
C SER A 340 7.77 -5.45 4.40
N LYS A 341 8.59 -6.49 4.54
CA LYS A 341 9.50 -6.90 3.48
C LYS A 341 8.73 -7.59 2.37
N ASP A 342 9.45 -7.99 1.33
CA ASP A 342 8.86 -8.74 0.23
C ASP A 342 8.69 -10.21 0.58
N ALA A 343 9.64 -10.77 1.32
CA ALA A 343 9.53 -12.17 1.75
C ALA A 343 8.30 -12.42 2.61
N VAL A 344 7.80 -11.37 3.28
CA VAL A 344 6.60 -11.53 4.10
C VAL A 344 5.42 -11.96 3.24
N LEU A 345 5.14 -11.22 2.18
CA LEU A 345 4.03 -11.55 1.30
C LEU A 345 4.36 -12.72 0.39
N ARG A 346 5.63 -12.89 0.02
CA ARG A 346 5.97 -13.94 -0.93
C ARG A 346 5.95 -15.32 -0.26
N ARG A 347 6.31 -15.40 1.02
CA ARG A 347 6.30 -16.68 1.71
C ARG A 347 4.89 -17.14 2.06
N GLU A 348 3.91 -16.26 2.02
CA GLU A 348 2.52 -16.60 2.29
C GLU A 348 1.80 -17.11 1.04
N MET A 349 2.49 -17.19 -0.09
CA MET A 349 1.89 -17.58 -1.35
C MET A 349 1.97 -19.08 -1.56
N ARG A 350 0.91 -19.66 -2.12
CA ARG A 350 1.08 -20.85 -2.94
C ARG A 350 0.72 -20.43 -4.35
N GLN A 351 1.73 -19.98 -5.09
CA GLN A 351 1.83 -19.95 -6.53
C GLN A 351 3.32 -19.86 -6.81
N MET A 352 3.79 -20.57 -7.81
CA MET A 352 5.22 -20.69 -8.03
C MET A 352 5.62 -19.85 -9.24
N GLU A 353 6.42 -18.82 -9.00
CA GLU A 353 7.02 -18.07 -10.09
C GLU A 353 7.85 -19.02 -10.96
N GLY A 354 7.72 -18.86 -12.27
CA GLY A 354 8.37 -19.79 -13.17
C GLY A 354 7.71 -21.15 -13.16
N ALA A 355 6.38 -21.17 -13.20
CA ALA A 355 5.62 -22.40 -13.25
C ALA A 355 4.26 -22.10 -13.86
N TRP A 356 3.46 -23.16 -14.03
CA TRP A 356 2.16 -23.00 -14.67
C TRP A 356 1.13 -22.48 -13.66
N LEU A 357 0.41 -21.44 -14.05
CA LEU A 357 -0.55 -20.81 -13.16
C LEU A 357 -1.79 -21.69 -13.03
N GLY A 358 -2.52 -21.48 -11.94
CA GLY A 358 -3.87 -21.99 -11.81
C GLY A 358 -4.63 -21.13 -10.83
N SER A 359 -5.96 -21.12 -10.98
CA SER A 359 -6.72 -20.35 -10.02
C SER A 359 -6.81 -21.12 -8.70
N ASP A 360 -7.39 -20.46 -7.69
CA ASP A 360 -7.49 -20.97 -6.33
C ASP A 360 -6.11 -21.13 -5.68
N LEU A 361 -5.05 -21.11 -6.50
CA LEU A 361 -3.70 -20.92 -5.95
C LEU A 361 -3.40 -19.44 -5.74
N VAL A 362 -3.76 -18.61 -6.71
CA VAL A 362 -3.63 -17.17 -6.53
C VAL A 362 -4.71 -16.66 -5.58
N ASP A 363 -5.86 -17.34 -5.52
CA ASP A 363 -6.90 -16.98 -4.57
C ASP A 363 -6.52 -17.38 -3.16
N GLN A 364 -5.73 -18.45 -3.00
CA GLN A 364 -5.19 -18.79 -1.70
C GLN A 364 -4.09 -17.83 -1.27
N GLY A 365 -3.42 -17.19 -2.23
CA GLY A 365 -2.48 -16.14 -1.86
C GLY A 365 -3.18 -14.94 -1.24
N LYS A 366 -4.27 -14.50 -1.88
CA LYS A 366 -5.10 -13.45 -1.28
C LYS A 366 -5.70 -13.91 0.03
N GLU A 367 -6.09 -15.20 0.10
CA GLU A 367 -6.62 -15.77 1.32
C GLU A 367 -5.64 -15.60 2.48
N ARG A 368 -4.45 -16.19 2.36
CA ARG A 368 -3.46 -16.11 3.42
C ARG A 368 -3.00 -14.68 3.67
N LEU A 369 -2.91 -13.86 2.62
CA LEU A 369 -2.53 -12.46 2.80
C LEU A 369 -3.53 -11.72 3.68
N ASN A 370 -4.82 -11.94 3.45
CA ASN A 370 -5.83 -11.40 4.36
C ASN A 370 -5.73 -12.05 5.73
N ARG A 371 -5.39 -13.34 5.79
CA ARG A 371 -5.28 -14.04 7.06
C ARG A 371 -4.22 -13.43 7.95
N LEU A 372 -3.13 -12.91 7.36
CA LEU A 372 -2.10 -12.24 8.14
C LEU A 372 -2.67 -11.02 8.87
N GLY A 373 -3.58 -10.30 8.23
CA GLY A 373 -4.10 -9.07 8.77
C GLY A 373 -3.14 -7.91 8.78
N PHE A 374 -1.93 -8.08 8.23
CA PHE A 374 -0.96 -7.00 8.22
C PHE A 374 -1.33 -5.90 7.23
N PHE A 375 -2.19 -6.19 6.26
CA PHE A 375 -2.60 -5.21 5.27
C PHE A 375 -4.09 -5.32 5.01
N GLU A 376 -4.78 -4.19 5.00
CA GLU A 376 -6.13 -4.11 4.46
C GLU A 376 -6.26 -2.82 3.66
N THR A 377 -6.61 -2.94 2.38
CA THR A 377 -7.00 -4.21 1.79
C THR A 377 -5.99 -4.70 0.75
N VAL A 378 -5.96 -6.02 0.54
CA VAL A 378 -5.13 -6.63 -0.49
C VAL A 378 -6.01 -7.00 -1.67
N ASP A 379 -5.44 -6.88 -2.87
CA ASP A 379 -6.14 -7.18 -4.10
C ASP A 379 -5.16 -7.86 -5.07
N THR A 380 -5.69 -8.76 -5.89
CA THR A 380 -4.89 -9.48 -6.87
C THR A 380 -5.32 -9.11 -8.28
N ASP A 381 -4.35 -9.10 -9.19
CA ASP A 381 -4.63 -8.81 -10.60
C ASP A 381 -3.80 -9.74 -11.46
N THR A 382 -4.46 -10.42 -12.39
CA THR A 382 -3.82 -11.30 -13.36
C THR A 382 -3.75 -10.57 -14.70
N GLN A 383 -2.54 -10.19 -15.10
CA GLN A 383 -2.32 -9.46 -16.34
C GLN A 383 -1.35 -10.24 -17.22
N ARG A 384 -1.66 -10.32 -18.51
CA ARG A 384 -0.79 -11.06 -19.41
C ARG A 384 0.49 -10.26 -19.69
N VAL A 385 1.36 -10.83 -20.51
CA VAL A 385 2.66 -10.24 -20.80
C VAL A 385 2.69 -9.92 -22.29
N PRO A 386 3.28 -8.79 -22.69
CA PRO A 386 3.30 -8.45 -24.12
C PRO A 386 4.20 -9.38 -24.92
N GLY A 387 3.70 -9.83 -26.06
CA GLY A 387 4.46 -10.60 -27.02
C GLY A 387 4.37 -12.10 -26.87
N SER A 388 4.02 -12.60 -25.68
CA SER A 388 3.96 -14.04 -25.44
C SER A 388 2.55 -14.45 -25.09
N PRO A 389 1.88 -15.28 -25.87
CA PRO A 389 0.56 -15.75 -25.43
C PRO A 389 0.69 -16.97 -24.52
N ASP A 390 1.60 -16.88 -23.55
CA ASP A 390 1.77 -17.90 -22.52
C ASP A 390 1.93 -17.23 -21.16
N GLN A 391 3.02 -16.50 -21.01
CA GLN A 391 3.41 -15.94 -19.72
C GLN A 391 2.36 -14.96 -19.20
N VAL A 392 2.25 -14.90 -17.88
CA VAL A 392 1.33 -14.00 -17.19
C VAL A 392 1.99 -13.51 -15.92
N ASP A 393 1.88 -12.22 -15.65
CA ASP A 393 2.29 -11.64 -14.38
C ASP A 393 1.08 -11.44 -13.47
N VAL A 394 1.24 -11.78 -12.20
CA VAL A 394 0.21 -11.61 -11.19
C VAL A 394 0.72 -10.63 -10.15
N VAL A 395 -0.02 -9.56 -9.93
CA VAL A 395 0.38 -8.47 -9.04
C VAL A 395 -0.54 -8.44 -7.84
N TYR A 396 0.03 -8.32 -6.66
CA TYR A 396 -0.71 -8.20 -5.40
C TYR A 396 -0.50 -6.80 -4.84
N LYS A 397 -1.55 -6.00 -4.84
CA LYS A 397 -1.53 -4.68 -4.23
C LYS A 397 -1.99 -4.77 -2.78
N VAL A 398 -1.34 -4.01 -1.91
CA VAL A 398 -1.64 -4.04 -0.48
C VAL A 398 -1.66 -2.62 0.05
N LYS A 399 -2.68 -2.30 0.85
CA LYS A 399 -2.76 -0.99 1.47
C LYS A 399 -1.88 -0.87 2.70
N GLU A 400 -1.53 -1.99 3.34
CA GLU A 400 -0.57 -2.03 4.44
C GLU A 400 -1.03 -1.16 5.61
N ARG A 401 -2.03 -1.70 6.32
CA ARG A 401 -2.56 -1.02 7.49
C ARG A 401 -1.53 -1.06 8.62
N ASN A 402 -1.86 -0.42 9.74
CA ASN A 402 -0.94 -0.28 10.86
C ASN A 402 -1.12 -1.44 11.83
N THR A 403 -0.02 -2.13 12.14
CA THR A 403 -0.01 -3.21 13.12
C THR A 403 0.74 -2.74 14.36
N GLY A 404 0.01 -2.44 15.42
CA GLY A 404 0.62 -2.15 16.69
C GLY A 404 -0.33 -1.39 17.60
N SER A 405 0.04 -1.35 18.87
CA SER A 405 -0.63 -0.54 19.87
C SER A 405 0.40 -0.08 20.89
N PHE A 406 0.32 1.20 21.26
CA PHE A 406 1.15 1.78 22.30
C PHE A 406 0.24 2.12 23.48
N ASN A 407 0.53 1.54 24.64
CA ASN A 407 -0.30 1.74 25.83
C ASN A 407 0.54 2.43 26.90
N PHE A 408 0.12 3.64 27.28
CA PHE A 408 0.78 4.37 28.36
C PHE A 408 -0.27 4.83 29.35
N GLY A 409 -0.28 4.22 30.55
CA GLY A 409 -0.98 4.76 31.69
C GLY A 409 -0.02 5.31 32.72
N ILE A 410 -0.57 6.07 33.67
CA ILE A 410 0.18 6.63 34.78
C ILE A 410 -0.74 6.84 35.97
N SER A 419 2.60 6.13 39.75
CA SER A 419 2.29 4.99 38.90
C SER A 419 2.83 5.17 37.49
N PHE A 420 3.43 4.10 36.95
CA PHE A 420 3.95 4.11 35.59
C PHE A 420 3.56 2.80 34.92
N GLN A 421 2.87 2.89 33.78
CA GLN A 421 2.43 1.72 33.05
C GLN A 421 2.73 1.93 31.56
N ALA A 422 3.56 1.07 30.98
CA ALA A 422 3.83 1.12 29.55
C ALA A 422 3.80 -0.28 28.98
N GLY A 423 2.80 -0.56 28.13
CA GLY A 423 2.89 -1.68 27.22
C GLY A 423 3.10 -1.25 25.78
N VAL A 424 3.50 -2.19 24.93
CA VAL A 424 3.58 -1.98 23.49
C VAL A 424 3.41 -3.33 22.82
N GLN A 425 2.71 -3.35 21.69
CA GLN A 425 2.46 -4.58 20.96
C GLN A 425 2.64 -4.33 19.46
N GLN A 426 3.48 -5.14 18.83
CA GLN A 426 3.73 -5.03 17.40
C GLN A 426 3.66 -6.41 16.78
N ASP A 427 2.69 -6.61 15.89
CA ASP A 427 2.54 -7.90 15.21
C ASP A 427 3.58 -8.04 14.09
N ASN A 428 3.73 -7.00 13.27
CA ASN A 428 4.77 -6.93 12.27
C ASN A 428 5.76 -5.86 12.72
N TRP A 429 6.94 -6.29 13.16
CA TRP A 429 7.88 -5.40 13.83
C TRP A 429 8.25 -4.19 12.98
N LEU A 430 9.06 -4.40 11.94
CA LEU A 430 9.31 -3.36 10.95
C LEU A 430 9.14 -3.95 9.56
N GLY A 431 10.11 -4.79 9.20
CA GLY A 431 10.00 -5.75 8.11
C GLY A 431 9.56 -7.05 8.75
N THR A 432 10.10 -8.18 8.29
CA THR A 432 9.96 -9.41 9.06
C THR A 432 8.50 -9.81 9.21
N GLY A 433 7.92 -9.55 10.38
CA GLY A 433 6.75 -10.26 10.85
C GLY A 433 7.08 -11.04 12.10
N TYR A 434 8.25 -10.75 12.65
CA TYR A 434 8.49 -10.99 14.07
C TYR A 434 7.37 -10.35 14.89
N ALA A 435 6.77 -11.14 15.78
CA ALA A 435 5.72 -10.64 16.66
C ALA A 435 6.36 -10.34 18.01
N VAL A 436 6.43 -9.06 18.35
CA VAL A 436 7.13 -8.60 19.55
C VAL A 436 6.15 -7.84 20.42
N GLY A 437 6.27 -8.01 21.73
CA GLY A 437 5.50 -7.20 22.66
C GLY A 437 6.23 -7.05 23.97
N ILE A 438 5.96 -5.93 24.65
CA ILE A 438 6.61 -5.57 25.90
C ILE A 438 5.54 -5.04 26.85
N ASN A 439 5.73 -5.28 28.14
CA ASN A 439 4.83 -4.80 29.18
C ASN A 439 5.65 -4.45 30.41
N GLY A 440 5.30 -3.34 31.05
CA GLY A 440 5.92 -3.00 32.31
C GLY A 440 5.06 -2.08 33.13
N THR A 441 5.22 -2.16 34.45
CA THR A 441 4.53 -1.33 35.42
C THR A 441 5.47 -1.13 36.61
N LYS A 442 5.48 0.08 37.15
CA LYS A 442 6.33 0.40 38.29
C LYS A 442 5.65 1.43 39.16
N ASN A 443 5.81 1.28 40.47
CA ASN A 443 5.28 2.21 41.47
C ASN A 443 5.97 1.88 42.80
N ASP A 444 5.52 2.53 43.87
CA ASP A 444 6.09 2.27 45.19
C ASP A 444 5.81 0.86 45.69
N TYR A 445 4.94 0.10 45.01
CA TYR A 445 4.58 -1.25 45.44
C TYR A 445 5.03 -2.31 44.45
N GLN A 446 4.50 -2.29 43.22
CA GLN A 446 4.67 -3.37 42.27
C GLN A 446 5.62 -2.97 41.15
N THR A 447 6.46 -3.92 40.73
CA THR A 447 7.31 -3.79 39.55
C THR A 447 7.16 -5.06 38.71
N TYR A 448 6.76 -4.89 37.46
CA TYR A 448 6.44 -6.01 36.59
C TYR A 448 6.92 -5.73 35.18
N ALA A 449 7.56 -6.73 34.57
CA ALA A 449 8.04 -6.62 33.20
C ALA A 449 7.89 -7.95 32.48
N GLU A 450 7.40 -7.90 31.24
CA GLU A 450 7.19 -9.09 30.44
C GLU A 450 7.56 -8.79 28.99
N LEU A 451 8.26 -9.72 28.36
CA LEU A 451 8.70 -9.54 26.97
C LEU A 451 8.43 -10.82 26.20
N SER A 452 7.74 -10.68 25.06
CA SER A 452 7.37 -11.84 24.24
C SER A 452 7.84 -11.63 22.81
N VAL A 453 8.58 -12.60 22.29
CA VAL A 453 9.09 -12.53 20.91
C VAL A 453 8.80 -13.86 20.24
N THR A 454 7.94 -13.84 19.22
CA THR A 454 7.60 -15.03 18.43
C THR A 454 7.93 -14.76 16.97
N ASN A 455 8.92 -15.47 16.45
CA ASN A 455 9.27 -15.39 15.04
C ASN A 455 8.59 -16.52 14.30
N PRO A 456 7.60 -16.26 13.46
CA PRO A 456 7.05 -17.29 12.60
C PRO A 456 7.98 -17.54 11.43
N TYR A 457 7.63 -18.52 10.60
CA TYR A 457 8.45 -18.93 9.46
C TYR A 457 9.91 -19.12 9.87
N PHE A 458 10.12 -19.71 11.04
CA PHE A 458 11.43 -20.24 11.39
C PHE A 458 11.79 -21.32 10.38
N THR A 459 12.94 -21.18 9.74
CA THR A 459 13.27 -21.88 8.50
C THR A 459 12.18 -21.50 7.50
N VAL A 460 11.36 -22.44 7.01
CA VAL A 460 10.25 -22.10 6.12
C VAL A 460 9.04 -22.94 6.50
N ASP A 461 8.01 -22.90 5.65
CA ASP A 461 6.78 -23.69 5.72
C ASP A 461 5.81 -23.19 6.77
N GLY A 462 6.17 -22.18 7.56
CA GLY A 462 5.31 -21.67 8.60
C GLY A 462 5.67 -22.10 10.00
N VAL A 463 6.81 -22.77 10.19
CA VAL A 463 7.24 -23.17 11.52
C VAL A 463 7.55 -21.92 12.33
N SER A 464 6.93 -21.80 13.49
CA SER A 464 7.10 -20.66 14.37
C SER A 464 7.92 -21.05 15.59
N LEU A 465 8.74 -20.13 16.08
CA LEU A 465 9.49 -20.33 17.30
C LEU A 465 9.54 -19.01 18.06
N GLY A 466 9.21 -19.03 19.34
CA GLY A 466 9.29 -17.82 20.13
C GLY A 466 9.48 -18.08 21.60
N GLY A 467 10.13 -17.11 22.27
CA GLY A 467 10.28 -17.12 23.71
C GLY A 467 9.42 -16.08 24.41
N ARG A 468 9.34 -16.24 25.73
CA ARG A 468 8.68 -15.30 26.63
C ARG A 468 9.47 -15.21 27.93
N LEU A 469 9.68 -13.98 28.39
CA LEU A 469 10.32 -13.68 29.66
C LEU A 469 9.35 -12.95 30.57
N PHE A 470 9.37 -13.33 31.84
CA PHE A 470 8.34 -12.94 32.81
C PHE A 470 9.02 -12.54 34.12
N TYR A 471 8.70 -11.36 34.62
CA TYR A 471 9.19 -10.92 35.92
C TYR A 471 8.06 -10.18 36.63
N ASN A 472 7.67 -10.66 37.82
CA ASN A 472 6.63 -9.99 38.60
C ASN A 472 7.07 -9.94 40.06
N ASP A 473 7.32 -8.74 40.60
CA ASP A 473 7.80 -8.62 41.97
C ASP A 473 7.07 -7.48 42.66
N PHE A 474 6.42 -7.75 43.78
CA PHE A 474 5.86 -6.68 44.60
C PHE A 474 5.92 -7.05 46.07
N GLN A 475 6.32 -6.09 46.90
CA GLN A 475 6.22 -6.15 48.34
C GLN A 475 5.08 -5.25 48.79
N ALA A 476 4.88 -5.10 50.10
CA ALA A 476 3.78 -4.28 50.60
C ALA A 476 4.26 -2.92 51.06
N ASP A 477 4.86 -2.83 52.25
CA ASP A 477 5.37 -1.57 52.75
C ASP A 477 6.86 -1.37 52.55
N ASP A 478 7.56 -2.39 52.05
CA ASP A 478 9.02 -2.39 51.97
C ASP A 478 9.63 -2.01 53.31
N ALA A 479 10.72 -1.25 53.27
CA ALA A 479 11.26 -0.51 54.41
C ALA A 479 11.34 -1.19 55.80
N ASP A 480 11.89 -2.39 55.94
CA ASP A 480 12.27 -3.32 54.87
C ASP A 480 12.14 -4.74 55.41
N LEU A 481 11.67 -5.67 54.58
CA LEU A 481 11.45 -7.06 54.97
C LEU A 481 10.57 -7.14 56.22
N SER A 482 9.30 -6.75 56.04
CA SER A 482 8.34 -6.80 57.12
C SER A 482 7.06 -7.51 56.69
N ASP A 483 6.35 -6.93 55.73
CA ASP A 483 5.04 -7.41 55.32
C ASP A 483 5.16 -8.42 54.18
N TYR A 484 4.03 -8.75 53.56
CA TYR A 484 3.98 -9.78 52.53
C TYR A 484 4.78 -9.39 51.30
N THR A 485 5.58 -10.35 50.80
CA THR A 485 6.38 -10.16 49.60
C THR A 485 6.09 -11.28 48.61
N ASN A 486 6.08 -10.93 47.32
CA ASN A 486 5.85 -11.89 46.25
C ASN A 486 6.86 -11.63 45.13
N LYS A 487 7.54 -12.68 44.68
CA LYS A 487 8.55 -12.56 43.64
C LYS A 487 8.42 -13.74 42.68
N SER A 488 8.36 -13.45 41.38
CA SER A 488 8.13 -14.48 40.37
C SER A 488 9.07 -14.28 39.19
N TYR A 489 9.96 -15.24 38.98
CA TYR A 489 10.63 -15.44 37.70
C TYR A 489 9.72 -16.22 36.76
N GLY A 490 9.94 -16.03 35.46
CA GLY A 490 9.27 -16.85 34.47
C GLY A 490 9.99 -16.79 33.14
N THR A 491 9.88 -17.87 32.38
CA THR A 491 10.48 -18.01 31.06
C THR A 491 9.75 -19.14 30.35
N ASP A 492 9.82 -19.15 29.03
CA ASP A 492 9.34 -20.30 28.26
C ASP A 492 9.69 -20.10 26.80
N VAL A 493 9.64 -21.21 26.06
CA VAL A 493 9.90 -21.23 24.62
C VAL A 493 8.92 -22.20 23.98
N THR A 494 8.45 -21.87 22.79
CA THR A 494 7.47 -22.68 22.08
C THR A 494 7.84 -22.76 20.60
N LEU A 495 7.75 -23.98 20.07
CA LEU A 495 7.99 -24.24 18.65
C LEU A 495 6.72 -24.85 18.07
N GLY A 496 6.02 -24.07 17.24
CA GLY A 496 4.89 -24.56 16.48
C GLY A 496 5.24 -24.87 15.05
N PHE A 497 4.39 -25.64 14.41
CA PHE A 497 4.48 -25.88 12.98
C PHE A 497 3.08 -26.15 12.45
N PRO A 498 2.91 -26.27 11.14
CA PRO A 498 1.61 -26.65 10.62
C PRO A 498 1.48 -28.17 10.46
N ILE A 499 0.25 -28.59 10.15
CA ILE A 499 -0.04 -29.97 9.77
C ILE A 499 -0.93 -29.92 8.53
N ASN A 500 -2.12 -29.37 8.69
CA ASN A 500 -3.00 -29.06 7.58
C ASN A 500 -2.67 -27.66 7.07
N GLU A 501 -3.38 -27.21 6.03
CA GLU A 501 -3.20 -25.86 5.54
C GLU A 501 -3.64 -24.84 6.58
N TYR A 502 -4.78 -25.09 7.23
CA TYR A 502 -5.34 -24.17 8.21
C TYR A 502 -4.99 -24.52 9.65
N ASN A 503 -4.27 -25.62 9.87
CA ASN A 503 -4.02 -26.13 11.22
C ASN A 503 -2.54 -26.03 11.57
N SER A 504 -2.26 -25.54 12.76
CA SER A 504 -0.92 -25.56 13.34
C SER A 504 -1.01 -26.16 14.73
N LEU A 505 0.13 -26.57 15.26
CA LEU A 505 0.20 -27.01 16.65
C LEU A 505 1.62 -26.77 17.17
N ARG A 506 1.72 -26.50 18.47
CA ARG A 506 2.94 -26.02 19.09
C ARG A 506 3.35 -26.95 20.23
N ALA A 507 4.67 -27.06 20.42
CA ALA A 507 5.24 -27.82 21.51
C ALA A 507 6.41 -27.03 22.08
N GLY A 508 6.45 -26.89 23.40
CA GLY A 508 7.49 -26.13 24.04
C GLY A 508 7.52 -26.41 25.53
N LEU A 509 8.36 -25.65 26.23
CA LEU A 509 8.50 -25.84 27.67
C LEU A 509 8.88 -24.52 28.32
N GLY A 510 8.62 -24.43 29.62
CA GLY A 510 8.89 -23.22 30.36
C GLY A 510 9.19 -23.50 31.82
N TYR A 511 9.66 -22.46 32.51
CA TYR A 511 10.04 -22.55 33.91
C TYR A 511 9.56 -21.30 34.63
N VAL A 512 8.97 -21.49 35.80
CA VAL A 512 8.39 -20.39 36.58
C VAL A 512 8.86 -20.54 38.03
N HIS A 513 9.38 -19.46 38.59
CA HIS A 513 9.83 -19.41 39.97
C HIS A 513 8.92 -18.50 40.78
N ASN A 514 8.58 -18.94 41.99
CA ASN A 514 7.68 -18.19 42.86
C ASN A 514 8.19 -18.23 44.30
N SER A 515 8.18 -17.06 44.95
CA SER A 515 8.65 -16.90 46.31
C SER A 515 7.68 -16.00 47.05
N LEU A 516 7.26 -16.45 48.24
CA LEU A 516 6.19 -15.81 49.00
C LEU A 516 6.58 -15.69 50.46
N SER A 517 6.40 -14.49 51.01
CA SER A 517 6.62 -14.22 52.43
C SER A 517 5.36 -13.56 53.00
N ASN A 518 4.99 -13.97 54.22
CA ASN A 518 3.76 -13.54 54.90
C ASN A 518 2.57 -13.94 54.02
N MET A 519 1.78 -13.00 53.49
CA MET A 519 0.62 -13.14 52.60
C MET A 519 -0.70 -13.35 53.34
N GLN A 520 -0.66 -13.59 54.67
CA GLN A 520 -1.82 -13.67 55.56
C GLN A 520 -2.69 -14.89 55.25
N PRO A 521 -3.44 -15.39 56.23
CA PRO A 521 -4.21 -16.61 56.01
C PRO A 521 -5.50 -16.39 55.23
N GLN A 522 -5.90 -17.43 54.51
CA GLN A 522 -7.21 -17.50 53.86
C GLN A 522 -7.52 -18.97 53.59
N VAL A 523 -8.81 -19.25 53.39
CA VAL A 523 -9.32 -20.62 53.30
C VAL A 523 -8.67 -21.39 52.15
N ALA A 524 -8.99 -21.02 50.91
CA ALA A 524 -8.64 -21.85 49.77
C ALA A 524 -7.15 -21.90 49.53
N MET A 525 -6.48 -20.74 49.56
CA MET A 525 -5.04 -20.69 49.35
C MET A 525 -4.32 -21.60 50.33
N TRP A 526 -4.79 -21.67 51.58
CA TRP A 526 -4.19 -22.54 52.57
C TRP A 526 -4.69 -23.96 52.48
N ARG A 527 -5.77 -24.21 51.75
CA ARG A 527 -6.08 -25.58 51.34
C ARG A 527 -5.03 -26.08 50.35
N TYR A 528 -4.65 -25.23 49.39
CA TYR A 528 -3.56 -25.57 48.49
C TYR A 528 -2.26 -25.75 49.28
N LEU A 529 -1.95 -24.80 50.17
CA LEU A 529 -0.74 -24.91 50.97
C LEU A 529 -0.75 -26.18 51.81
N TYR A 530 -1.93 -26.57 52.30
CA TYR A 530 -2.03 -27.79 53.09
C TYR A 530 -1.81 -29.03 52.21
N SER A 531 -2.27 -28.98 50.96
CA SER A 531 -2.08 -30.12 50.06
C SER A 531 -0.64 -30.25 49.58
N MET A 532 0.14 -29.19 49.65
CA MET A 532 1.50 -29.20 49.11
C MET A 532 2.54 -29.72 50.10
N GLY A 533 2.12 -30.12 51.29
CA GLY A 533 3.00 -30.71 52.28
C GLY A 533 3.46 -29.75 53.36
N GLU A 534 3.40 -28.45 53.12
CA GLU A 534 3.78 -27.46 54.13
C GLU A 534 2.60 -27.15 55.01
N HIS A 535 2.78 -27.27 56.33
CA HIS A 535 1.75 -26.84 57.26
C HIS A 535 2.11 -25.44 57.74
N PRO A 536 1.43 -24.40 57.26
CA PRO A 536 1.64 -23.08 57.84
C PRO A 536 0.88 -22.95 59.15
N SER A 537 1.44 -22.15 60.05
CA SER A 537 0.76 -21.88 61.31
C SER A 537 -0.58 -21.23 61.02
N THR A 538 -1.64 -21.78 61.59
CA THR A 538 -2.96 -21.21 61.32
C THR A 538 -3.00 -19.84 61.97
N SER A 539 -4.11 -19.13 61.78
CA SER A 539 -4.00 -17.69 61.68
C SER A 539 -3.32 -17.06 62.90
N ASP A 540 -2.09 -16.57 62.68
CA ASP A 540 -1.40 -15.65 63.58
C ASP A 540 -0.73 -14.57 62.75
N GLN A 541 0.34 -14.93 62.06
CA GLN A 541 1.03 -14.05 61.11
C GLN A 541 2.18 -14.80 60.47
N ASP A 542 2.57 -14.29 59.29
CA ASP A 542 3.57 -14.72 58.32
C ASP A 542 3.57 -16.21 57.98
N ASN A 543 4.63 -16.64 57.28
CA ASN A 543 5.01 -17.99 56.85
C ASN A 543 6.03 -17.79 55.72
N SER A 544 6.57 -18.88 55.16
CA SER A 544 7.44 -18.77 54.00
C SER A 544 7.15 -19.88 53.00
N PHE A 545 7.22 -19.56 51.70
CA PHE A 545 7.08 -20.57 50.66
C PHE A 545 7.98 -20.24 49.48
N LYS A 546 8.65 -21.25 48.94
CA LYS A 546 9.47 -21.11 47.74
C LYS A 546 9.22 -22.31 46.84
N THR A 547 8.77 -22.07 45.61
CA THR A 547 8.43 -23.15 44.69
C THR A 547 8.87 -22.81 43.27
N ASP A 548 9.56 -23.74 42.64
CA ASP A 548 10.00 -23.61 41.25
C ASP A 548 9.41 -24.77 40.45
N ASP A 549 8.71 -24.44 39.37
CA ASP A 549 8.03 -25.46 38.57
C ASP A 549 8.45 -25.37 37.10
N PHE A 550 8.53 -26.53 36.47
CA PHE A 550 8.82 -26.65 35.04
C PHE A 550 7.61 -27.28 34.36
N THR A 551 7.19 -26.71 33.23
CA THR A 551 5.99 -27.16 32.54
C THR A 551 6.30 -27.44 31.07
N PHE A 552 5.59 -28.42 30.53
CA PHE A 552 5.58 -28.71 29.10
C PHE A 552 4.27 -28.21 28.52
N ASN A 553 4.35 -27.27 27.59
CA ASN A 553 3.18 -26.61 27.02
C ASN A 553 2.98 -27.06 25.58
N TYR A 554 1.75 -27.42 25.25
CA TYR A 554 1.36 -27.78 23.90
C TYR A 554 0.19 -26.91 23.46
N GLY A 555 -0.02 -26.84 22.15
CA GLY A 555 -1.09 -26.03 21.62
C GLY A 555 -1.54 -26.52 20.27
N TRP A 556 -2.76 -26.14 19.91
CA TRP A 556 -3.31 -26.41 18.58
C TRP A 556 -4.11 -25.19 18.15
N THR A 557 -3.81 -24.67 16.97
CA THR A 557 -4.46 -23.46 16.46
C THR A 557 -5.05 -23.75 15.09
N TYR A 558 -6.37 -23.70 15.01
CA TYR A 558 -7.10 -23.77 13.74
C TYR A 558 -7.59 -22.37 13.40
N ASN A 559 -7.17 -21.87 12.24
CA ASN A 559 -7.57 -20.53 11.81
C ASN A 559 -8.05 -20.59 10.37
N LYS A 560 -9.34 -20.33 10.15
CA LYS A 560 -9.82 -19.99 8.81
C LYS A 560 -10.70 -18.77 8.95
N LEU A 561 -10.23 -17.63 8.46
CA LEU A 561 -10.93 -16.36 8.67
C LEU A 561 -10.91 -15.56 7.38
N ASP A 562 -11.88 -14.66 7.27
CA ASP A 562 -11.95 -13.79 6.10
C ASP A 562 -10.69 -12.93 6.00
N ARG A 563 -10.34 -12.23 7.08
CA ARG A 563 -9.11 -11.45 7.15
C ARG A 563 -8.57 -11.51 8.56
N GLY A 564 -7.31 -11.10 8.70
CA GLY A 564 -6.63 -11.19 9.99
C GLY A 564 -7.31 -10.39 11.10
N TYR A 565 -8.04 -9.34 10.75
CA TYR A 565 -8.83 -8.61 11.72
C TYR A 565 -10.20 -8.30 11.11
N PHE A 566 -11.07 -7.72 11.93
CA PHE A 566 -12.46 -7.40 11.59
C PHE A 566 -13.08 -8.47 10.70
N PRO A 567 -13.04 -9.75 11.08
CA PRO A 567 -13.43 -10.82 10.16
C PRO A 567 -14.92 -10.78 9.86
N THR A 568 -15.26 -10.87 8.57
CA THR A 568 -16.66 -10.98 8.18
C THR A 568 -17.17 -12.41 8.27
N ASP A 569 -16.36 -13.39 7.84
CA ASP A 569 -16.77 -14.78 7.81
C ASP A 569 -15.59 -15.67 8.18
N GLY A 570 -15.84 -16.65 9.04
CA GLY A 570 -14.81 -17.60 9.40
C GLY A 570 -14.99 -18.10 10.81
N SER A 571 -13.89 -18.58 11.37
CA SER A 571 -13.79 -19.08 12.74
C SER A 571 -12.34 -19.47 13.02
N ARG A 572 -12.02 -19.52 14.31
CA ARG A 572 -10.70 -19.83 14.82
C ARG A 572 -10.87 -20.52 16.16
N VAL A 573 -10.07 -21.54 16.43
CA VAL A 573 -10.12 -22.29 17.67
C VAL A 573 -8.69 -22.50 18.15
N ASN A 574 -8.40 -22.07 19.37
CA ASN A 574 -7.07 -22.21 19.96
C ASN A 574 -7.16 -23.08 21.21
N LEU A 575 -6.18 -23.95 21.38
CA LEU A 575 -6.12 -24.84 22.54
C LEU A 575 -4.71 -24.80 23.11
N THR A 576 -4.60 -24.30 24.35
CA THR A 576 -3.32 -24.23 25.04
C THR A 576 -3.37 -25.12 26.27
N GLY A 577 -2.27 -25.82 26.53
CA GLY A 577 -2.21 -26.68 27.69
C GLY A 577 -0.79 -26.79 28.20
N LYS A 578 -0.66 -27.19 29.46
CA LYS A 578 0.65 -27.42 30.06
C LYS A 578 0.51 -28.50 31.12
N VAL A 579 1.54 -29.34 31.22
CA VAL A 579 1.60 -30.38 32.23
C VAL A 579 2.99 -30.32 32.87
N THR A 580 3.03 -30.41 34.20
CA THR A 580 4.32 -30.35 34.88
C THR A 580 5.16 -31.56 34.51
N ILE A 581 6.47 -31.40 34.65
CA ILE A 581 7.44 -32.47 34.39
C ILE A 581 8.26 -32.67 35.65
N PRO A 582 8.78 -33.88 35.91
CA PRO A 582 9.61 -33.99 37.11
C PRO A 582 11.09 -33.72 36.81
N GLY A 583 11.94 -33.63 37.84
CA GLY A 583 11.49 -33.33 39.19
C GLY A 583 11.08 -31.88 39.31
N SER A 584 9.90 -31.63 39.89
CA SER A 584 9.40 -30.28 40.05
C SER A 584 8.62 -30.18 41.36
N ASP A 585 8.77 -29.04 42.03
CA ASP A 585 8.04 -28.78 43.28
C ASP A 585 6.54 -28.89 43.06
N ASN A 586 5.97 -27.99 42.27
CA ASN A 586 4.55 -28.02 41.98
C ASN A 586 4.23 -29.05 40.90
N GLU A 587 3.14 -29.78 41.08
CA GLU A 587 2.71 -30.81 40.16
C GLU A 587 1.27 -30.56 39.77
N TYR A 588 1.03 -30.27 38.49
CA TYR A 588 -0.31 -29.92 38.04
C TYR A 588 -0.38 -30.01 36.52
N TYR A 589 -1.58 -29.74 36.00
CA TYR A 589 -1.86 -29.65 34.57
C TYR A 589 -2.99 -28.66 34.37
N LYS A 590 -2.94 -27.96 33.23
CA LYS A 590 -3.89 -26.90 32.93
C LYS A 590 -4.21 -26.91 31.44
N VAL A 591 -5.48 -26.68 31.12
CA VAL A 591 -5.97 -26.68 29.74
C VAL A 591 -6.97 -25.54 29.57
N THR A 592 -6.79 -24.77 28.50
CA THR A 592 -7.68 -23.65 28.16
C THR A 592 -7.92 -23.65 26.66
N LEU A 593 -9.13 -23.28 26.26
CA LEU A 593 -9.53 -23.33 24.86
C LEU A 593 -10.42 -22.13 24.53
N ASP A 594 -10.20 -21.53 23.37
CA ASP A 594 -10.97 -20.37 22.92
C ASP A 594 -11.50 -20.62 21.52
N THR A 595 -12.66 -20.02 21.24
CA THR A 595 -13.37 -20.20 19.97
C THR A 595 -13.95 -18.87 19.52
N ALA A 596 -13.77 -18.54 18.25
CA ALA A 596 -14.36 -17.36 17.64
C ALA A 596 -15.00 -17.75 16.31
N THR A 597 -16.20 -17.24 16.06
CA THR A 597 -16.95 -17.58 14.86
C THR A 597 -17.66 -16.35 14.32
N TYR A 598 -17.47 -16.09 13.03
CA TYR A 598 -18.09 -14.95 12.35
C TYR A 598 -18.96 -15.49 11.22
N VAL A 599 -20.26 -15.27 11.32
CA VAL A 599 -21.21 -15.70 10.29
C VAL A 599 -21.90 -14.49 9.67
N PRO A 600 -21.60 -14.14 8.42
CA PRO A 600 -22.33 -13.05 7.78
C PRO A 600 -23.73 -13.48 7.39
N ILE A 601 -24.70 -12.57 7.61
CA ILE A 601 -26.11 -12.90 7.41
C ILE A 601 -26.68 -12.43 6.08
N ASP A 602 -25.90 -11.71 5.26
CA ASP A 602 -26.47 -11.34 3.96
C ASP A 602 -25.72 -11.98 2.80
N ASP A 603 -24.60 -11.41 2.37
CA ASP A 603 -23.61 -12.15 1.61
C ASP A 603 -22.23 -11.72 2.08
N ASP A 604 -21.55 -12.59 2.85
CA ASP A 604 -20.12 -12.51 3.14
C ASP A 604 -19.62 -11.10 3.46
N HIS A 605 -20.45 -10.24 4.06
CA HIS A 605 -20.04 -8.87 4.36
C HIS A 605 -21.11 -8.21 5.23
N LYS A 606 -20.89 -6.92 5.52
CA LYS A 606 -21.87 -6.06 6.18
C LYS A 606 -22.37 -6.63 7.50
N TRP A 607 -23.68 -6.88 7.59
CA TRP A 607 -24.26 -7.51 8.77
C TRP A 607 -23.59 -8.85 9.02
N VAL A 608 -23.04 -9.03 10.22
CA VAL A 608 -22.40 -10.30 10.57
C VAL A 608 -22.64 -10.58 12.04
N VAL A 609 -23.06 -11.80 12.38
CA VAL A 609 -23.25 -12.21 13.76
C VAL A 609 -22.05 -13.05 14.18
N LEU A 610 -21.45 -12.67 15.31
CA LEU A 610 -20.26 -13.31 15.84
C LEU A 610 -20.56 -13.95 17.18
N GLY A 611 -19.76 -14.94 17.53
CA GLY A 611 -19.80 -15.50 18.88
C GLY A 611 -18.45 -16.04 19.25
N ARG A 612 -18.18 -16.08 20.55
CA ARG A 612 -16.88 -16.53 21.05
C ARG A 612 -17.09 -17.21 22.39
N THR A 613 -16.18 -18.13 22.71
CA THR A 613 -16.22 -18.85 23.97
C THR A 613 -14.80 -19.01 24.49
N ARG A 614 -14.66 -18.95 25.81
CA ARG A 614 -13.39 -19.22 26.47
C ARG A 614 -13.63 -20.17 27.63
N TRP A 615 -13.08 -21.37 27.54
CA TRP A 615 -13.22 -22.40 28.57
C TRP A 615 -11.85 -22.67 29.18
N GLY A 616 -11.84 -23.04 30.46
CA GLY A 616 -10.61 -23.37 31.13
C GLY A 616 -10.85 -24.33 32.26
N TYR A 617 -9.79 -25.06 32.62
CA TYR A 617 -9.86 -26.09 33.65
C TYR A 617 -8.46 -26.61 33.89
N GLY A 618 -8.29 -27.28 35.03
CA GLY A 618 -7.00 -27.81 35.42
C GLY A 618 -7.09 -28.40 36.80
N ASP A 619 -5.96 -28.96 37.24
CA ASP A 619 -5.93 -29.64 38.54
C ASP A 619 -4.50 -30.09 38.81
N GLY A 620 -4.23 -30.40 40.07
CA GLY A 620 -2.93 -30.93 40.45
C GLY A 620 -2.89 -32.44 40.35
N LEU A 621 -1.69 -32.97 40.11
CA LEU A 621 -1.51 -34.41 40.04
C LEU A 621 -1.14 -34.96 41.42
N GLY A 622 -1.06 -36.28 41.51
CA GLY A 622 -0.73 -36.90 42.78
C GLY A 622 -1.72 -36.49 43.85
N GLY A 623 -1.20 -35.88 44.92
CA GLY A 623 -2.02 -35.33 45.99
C GLY A 623 -2.56 -33.96 45.66
N LYS A 624 -2.62 -33.64 44.36
CA LYS A 624 -3.01 -32.33 43.85
C LYS A 624 -2.02 -31.28 44.44
N GLU A 625 -2.36 -30.00 44.70
CA GLU A 625 -3.41 -29.20 44.08
C GLU A 625 -2.80 -28.12 43.19
N MET A 626 -3.54 -27.70 42.17
CA MET A 626 -3.06 -26.67 41.26
C MET A 626 -2.68 -25.41 42.03
N PRO A 627 -1.55 -24.77 41.71
CA PRO A 627 -1.13 -23.58 42.45
C PRO A 627 -2.12 -22.44 42.31
N PHE A 628 -2.06 -21.50 43.27
CA PHE A 628 -2.95 -20.36 43.20
C PHE A 628 -2.42 -19.24 42.33
N TYR A 629 -1.20 -19.34 41.81
CA TYR A 629 -0.85 -18.55 40.63
C TYR A 629 -0.95 -19.53 39.47
N GLU A 630 -2.20 -19.73 39.05
CA GLU A 630 -2.63 -20.39 37.82
C GLU A 630 -3.97 -19.76 37.49
N ASN A 631 -4.82 -19.78 38.52
CA ASN A 631 -6.28 -19.80 38.41
C ASN A 631 -6.80 -18.76 37.43
N PHE A 632 -7.78 -19.17 36.64
CA PHE A 632 -8.41 -18.29 35.70
C PHE A 632 -9.27 -17.25 36.41
N TYR A 633 -9.28 -16.05 35.85
CA TYR A 633 -10.18 -14.99 36.27
C TYR A 633 -11.17 -14.73 35.15
N ALA A 634 -12.08 -13.79 35.39
CA ALA A 634 -13.05 -13.41 34.36
C ALA A 634 -13.55 -12.00 34.68
N GLY A 635 -14.50 -11.54 33.89
CA GLY A 635 -14.95 -10.17 33.96
C GLY A 635 -13.97 -9.22 33.28
N GLY A 636 -14.45 -8.00 33.06
CA GLY A 636 -13.65 -7.02 32.35
C GLY A 636 -13.86 -7.09 30.85
N SER A 637 -13.09 -6.25 30.15
CA SER A 637 -13.22 -6.18 28.70
C SER A 637 -12.79 -7.47 28.00
N SER A 638 -11.93 -8.27 28.63
CA SER A 638 -11.42 -9.47 27.98
C SER A 638 -12.44 -10.61 28.02
N THR A 639 -13.24 -10.70 29.07
CA THR A 639 -14.15 -11.84 29.20
C THR A 639 -15.62 -11.41 29.23
N VAL A 640 -16.07 -10.84 30.34
CA VAL A 640 -17.44 -10.39 30.49
C VAL A 640 -17.40 -8.89 30.73
N ARG A 641 -17.87 -8.12 29.76
CA ARG A 641 -17.79 -6.66 29.82
C ARG A 641 -18.86 -6.10 30.74
N GLY A 642 -18.53 -4.95 31.35
CA GLY A 642 -19.37 -4.36 32.37
C GLY A 642 -19.01 -4.73 33.79
N PHE A 643 -18.05 -5.64 33.97
CA PHE A 643 -17.56 -6.04 35.28
C PHE A 643 -16.12 -5.58 35.45
N GLN A 644 -15.73 -5.35 36.69
CA GLN A 644 -14.34 -5.04 36.99
C GLN A 644 -13.47 -6.27 36.72
N SER A 645 -12.20 -6.04 36.43
CA SER A 645 -11.33 -7.10 35.95
C SER A 645 -11.06 -8.13 37.03
N ASN A 646 -10.98 -9.39 36.61
CA ASN A 646 -10.45 -10.49 37.42
C ASN A 646 -11.32 -10.82 38.64
N THR A 647 -12.61 -10.49 38.60
CA THR A 647 -13.52 -10.94 39.65
C THR A 647 -14.82 -11.42 39.03
N ILE A 648 -15.10 -12.74 39.11
CA ILE A 648 -16.46 -13.21 38.87
C ILE A 648 -16.91 -14.19 39.95
N GLY A 649 -16.48 -15.45 39.84
CA GLY A 649 -16.97 -16.49 40.72
C GLY A 649 -16.39 -16.55 42.12
N PRO A 650 -15.10 -16.90 42.21
CA PRO A 650 -14.46 -17.05 43.51
C PRO A 650 -14.05 -15.72 44.12
N LYS A 651 -14.15 -15.67 45.45
CA LYS A 651 -13.69 -14.52 46.22
C LYS A 651 -13.17 -15.03 47.56
N ALA A 652 -12.09 -14.42 48.04
CA ALA A 652 -11.37 -14.95 49.18
C ALA A 652 -12.24 -14.95 50.43
N VAL A 653 -12.01 -15.95 51.28
CA VAL A 653 -12.61 -16.03 52.61
C VAL A 653 -11.45 -16.12 53.59
N TYR A 654 -11.28 -15.08 54.41
CA TYR A 654 -10.12 -15.00 55.29
C TYR A 654 -10.38 -15.73 56.61
N PHE A 655 -9.39 -15.65 57.49
CA PHE A 655 -9.45 -16.06 58.89
C PHE A 655 -9.21 -14.79 59.69
N PRO A 656 -9.16 -14.87 61.03
CA PRO A 656 -8.48 -13.80 61.77
C PRO A 656 -6.98 -13.82 61.47
N HIS A 657 -6.22 -12.93 62.08
CA HIS A 657 -4.76 -13.03 62.22
C HIS A 657 -4.19 -11.77 62.85
N GLN A 658 -2.90 -11.78 63.16
CA GLN A 658 -2.22 -10.59 63.63
C GLN A 658 -1.72 -9.80 62.42
N ALA A 659 -0.92 -8.76 62.65
CA ALA A 659 -0.55 -7.83 61.60
C ALA A 659 0.94 -7.84 61.29
N SER A 660 1.79 -7.49 62.26
CA SER A 660 3.21 -7.18 62.18
C SER A 660 3.42 -5.75 61.67
N ASN A 661 2.38 -5.09 61.18
CA ASN A 661 2.42 -3.69 60.76
C ASN A 661 1.27 -2.94 61.43
N TYR A 662 0.04 -3.41 61.18
CA TYR A 662 -1.20 -2.82 61.65
C TYR A 662 -1.47 -1.45 61.04
N ASP A 663 -1.64 -0.41 61.85
CA ASP A 663 -2.33 0.81 61.44
C ASP A 663 -1.41 2.01 61.48
N PRO A 664 -0.51 2.19 60.41
CA PRO A 664 -0.02 3.55 60.07
C PRO A 664 -0.93 4.17 59.02
N ASP A 665 -2.15 4.49 59.44
CA ASP A 665 -3.27 5.02 58.66
C ASP A 665 -3.95 3.94 57.82
N TYR A 666 -3.45 2.71 57.80
CA TYR A 666 -4.03 1.66 57.00
C TYR A 666 -5.21 0.99 57.71
N ASP A 667 -6.20 0.58 56.92
CA ASP A 667 -7.33 -0.20 57.42
C ASP A 667 -7.27 -1.60 56.81
N TYR A 668 -7.67 -2.60 57.58
CA TYR A 668 -7.52 -4.00 57.18
C TYR A 668 -8.89 -4.63 56.95
N GLU A 669 -8.85 -5.91 56.57
CA GLU A 669 -10.07 -6.70 56.39
C GLU A 669 -10.42 -7.40 57.69
N CYS A 670 -9.59 -8.37 58.09
CA CYS A 670 -9.83 -9.15 59.30
C CYS A 670 -8.53 -9.29 60.05
N ALA A 671 -8.52 -8.83 61.30
CA ALA A 671 -7.34 -8.92 62.16
C ALA A 671 -7.82 -8.87 63.60
N THR A 672 -6.93 -9.24 64.52
CA THR A 672 -7.20 -9.14 65.95
C THR A 672 -6.81 -7.75 66.44
N GLN A 673 -7.77 -7.02 67.00
CA GLN A 673 -7.53 -5.67 67.51
C GLN A 673 -6.97 -4.76 66.40
N ASP A 674 -7.82 -4.31 65.47
CA ASP A 674 -9.28 -4.22 65.65
C ASP A 674 -10.01 -5.57 65.55
N GLY A 675 -10.65 -5.93 66.66
CA GLY A 675 -10.99 -7.31 66.91
C GLY A 675 -12.06 -7.85 65.99
N ALA A 676 -11.73 -8.88 65.21
CA ALA A 676 -12.71 -9.85 64.72
C ALA A 676 -12.03 -11.20 64.70
N LYS A 677 -12.59 -12.19 65.39
CA LYS A 677 -12.21 -13.58 65.15
C LYS A 677 -13.45 -14.46 65.15
N ASP A 678 -13.87 -14.91 63.97
CA ASP A 678 -14.54 -16.19 63.80
C ASP A 678 -13.98 -16.84 62.54
N LEU A 679 -14.46 -16.34 61.41
CA LEU A 679 -13.78 -16.32 60.12
C LEU A 679 -14.53 -15.28 59.30
N CYS A 680 -13.87 -14.76 58.26
CA CYS A 680 -14.31 -13.51 57.66
C CYS A 680 -14.42 -13.64 56.14
N LYS A 681 -15.52 -13.15 55.59
CA LYS A 681 -15.68 -13.03 54.15
C LYS A 681 -14.85 -11.85 53.65
N SER A 682 -14.83 -11.65 52.32
CA SER A 682 -13.98 -10.61 51.76
C SER A 682 -14.58 -10.08 50.47
N ASP A 683 -14.26 -8.81 50.18
CA ASP A 683 -14.59 -8.20 48.90
C ASP A 683 -13.58 -8.59 47.82
N ASP A 684 -12.39 -9.00 48.20
CA ASP A 684 -11.32 -9.29 47.23
C ASP A 684 -11.64 -10.59 46.49
N ALA A 685 -10.77 -10.95 45.55
CA ALA A 685 -11.00 -12.08 44.67
C ALA A 685 -9.74 -12.93 44.55
N VAL A 686 -9.90 -14.24 44.66
CA VAL A 686 -8.80 -15.19 44.53
C VAL A 686 -8.78 -15.76 43.11
N GLY A 687 -9.87 -16.40 42.72
CA GLY A 687 -10.05 -17.01 41.42
C GLY A 687 -10.01 -18.53 41.50
N GLY A 688 -10.71 -19.17 40.57
CA GLY A 688 -10.89 -20.60 40.56
C GLY A 688 -10.09 -21.30 39.47
N ASN A 689 -10.13 -22.63 39.52
CA ASN A 689 -9.41 -23.47 38.57
C ASN A 689 -10.27 -23.90 37.38
N ALA A 690 -11.53 -23.50 37.33
CA ALA A 690 -12.39 -23.79 36.19
C ALA A 690 -13.13 -22.53 35.78
N MET A 691 -13.28 -22.32 34.47
CA MET A 691 -13.94 -21.12 33.99
C MET A 691 -14.65 -21.37 32.68
N ALA A 692 -15.72 -20.61 32.45
CA ALA A 692 -16.45 -20.66 31.18
C ALA A 692 -16.97 -19.27 30.85
N VAL A 693 -16.86 -18.89 29.58
CA VAL A 693 -17.30 -17.58 29.11
C VAL A 693 -17.86 -17.73 27.70
N ALA A 694 -18.97 -17.06 27.42
CA ALA A 694 -19.56 -17.08 26.08
C ALA A 694 -20.12 -15.70 25.75
N SER A 695 -19.83 -15.22 24.55
CA SER A 695 -20.31 -13.93 24.08
C SER A 695 -20.98 -14.11 22.72
N LEU A 696 -22.13 -13.49 22.56
CA LEU A 696 -22.85 -13.46 21.28
C LEU A 696 -23.00 -12.00 20.87
N GLU A 697 -22.31 -11.61 19.80
CA GLU A 697 -22.33 -10.25 19.31
C GLU A 697 -23.12 -10.17 18.01
N PHE A 698 -23.92 -9.12 17.87
CA PHE A 698 -24.54 -8.77 16.59
C PHE A 698 -23.75 -7.59 16.02
N ILE A 699 -22.98 -7.86 14.98
CA ILE A 699 -22.09 -6.87 14.39
C ILE A 699 -22.81 -6.20 13.22
N THR A 700 -23.06 -4.90 13.38
CA THR A 700 -23.79 -4.10 12.41
C THR A 700 -22.87 -3.00 11.87
N PRO A 701 -23.13 -2.48 10.68
CA PRO A 701 -22.29 -1.39 10.18
C PRO A 701 -22.41 -0.18 11.07
N THR A 702 -21.34 0.61 11.11
CA THR A 702 -21.31 1.83 11.90
C THR A 702 -22.49 2.71 11.48
N PRO A 703 -23.07 3.48 12.41
CA PRO A 703 -24.25 4.29 12.07
C PRO A 703 -23.95 5.35 11.02
N PHE A 704 -24.93 6.20 10.73
CA PHE A 704 -24.81 7.12 9.60
C PHE A 704 -23.71 8.16 9.88
N ILE A 705 -23.53 9.04 8.90
CA ILE A 705 -22.28 9.81 8.77
C ILE A 705 -21.15 8.80 8.67
N SER A 706 -21.15 8.02 7.60
CA SER A 706 -20.21 6.93 7.39
C SER A 706 -19.17 7.34 6.35
N ASP A 707 -17.95 6.82 6.53
CA ASP A 707 -16.82 7.20 5.68
C ASP A 707 -16.90 6.59 4.28
N LYS A 708 -17.43 5.37 4.17
CA LYS A 708 -17.30 4.47 3.01
C LYS A 708 -15.90 3.89 3.01
N TYR A 709 -15.01 4.53 3.77
CA TYR A 709 -13.76 3.95 4.27
C TYR A 709 -13.95 3.38 5.68
N ALA A 710 -15.19 3.30 6.14
CA ALA A 710 -15.56 2.95 7.51
C ALA A 710 -15.10 1.54 7.88
N ASN A 711 -14.50 0.82 6.94
CA ASN A 711 -13.93 -0.49 7.21
C ASN A 711 -12.95 -0.46 8.39
N SER A 712 -12.47 0.72 8.78
CA SER A 712 -11.55 0.87 9.90
C SER A 712 -12.26 0.95 11.26
N VAL A 713 -13.58 0.84 11.31
CA VAL A 713 -14.32 0.93 12.55
C VAL A 713 -15.49 -0.04 12.51
N ARG A 714 -15.74 -0.72 13.63
CA ARG A 714 -16.79 -1.73 13.76
C ARG A 714 -17.66 -1.44 14.96
N THR A 715 -18.98 -1.59 14.77
CA THR A 715 -19.97 -1.36 15.81
C THR A 715 -20.79 -2.62 16.02
N SER A 716 -20.84 -3.10 17.26
CA SER A 716 -21.49 -4.37 17.54
C SER A 716 -22.28 -4.30 18.86
N PHE A 717 -23.53 -4.71 18.81
CA PHE A 717 -24.23 -5.12 20.02
C PHE A 717 -23.62 -6.42 20.53
N PHE A 718 -23.78 -6.68 21.82
CA PHE A 718 -23.25 -7.94 22.34
C PHE A 718 -23.97 -8.33 23.63
N TRP A 719 -23.89 -9.63 23.90
CA TRP A 719 -24.42 -10.26 25.11
C TRP A 719 -23.32 -11.16 25.64
N ASP A 720 -22.83 -10.86 26.84
CA ASP A 720 -21.71 -11.57 27.44
C ASP A 720 -22.19 -12.42 28.60
N MET A 721 -21.45 -13.49 28.86
CA MET A 721 -21.76 -14.38 29.98
C MET A 721 -20.49 -15.13 30.38
N GLY A 722 -20.50 -15.64 31.59
CA GLY A 722 -19.36 -16.38 32.09
C GLY A 722 -19.49 -16.63 33.58
N THR A 723 -18.49 -17.33 34.10
CA THR A 723 -18.41 -17.72 35.50
C THR A 723 -17.09 -18.45 35.72
N VAL A 724 -16.67 -18.50 36.98
CA VAL A 724 -15.46 -19.18 37.41
C VAL A 724 -15.77 -19.90 38.71
N TRP A 725 -15.24 -21.10 38.87
CA TRP A 725 -15.47 -21.87 40.08
C TRP A 725 -14.25 -22.73 40.38
N ASP A 726 -14.05 -22.99 41.67
CA ASP A 726 -12.95 -23.81 42.15
C ASP A 726 -13.51 -25.18 42.49
N THR A 727 -13.07 -26.21 41.76
CA THR A 727 -13.64 -27.54 41.89
C THR A 727 -13.50 -28.13 43.30
N ASN A 728 -12.67 -27.53 44.16
CA ASN A 728 -12.54 -27.96 45.53
C ASN A 728 -13.25 -26.94 46.42
N TRP A 729 -14.38 -27.34 47.00
CA TRP A 729 -15.09 -26.51 47.96
C TRP A 729 -15.90 -27.43 48.87
N ASP A 730 -16.75 -26.85 49.69
CA ASP A 730 -17.28 -27.55 50.85
C ASP A 730 -18.78 -27.31 51.08
N SER A 731 -19.55 -28.27 51.65
CA SER A 731 -19.18 -29.39 52.56
C SER A 731 -18.58 -28.90 53.88
N SER A 732 -17.29 -29.17 54.13
CA SER A 732 -16.62 -28.85 55.39
C SER A 732 -16.94 -27.44 55.89
N GLN A 733 -17.10 -26.49 54.98
CA GLN A 733 -17.70 -25.20 55.32
C GLN A 733 -19.20 -25.32 55.11
N TYR A 734 -19.94 -25.34 56.22
CA TYR A 734 -21.38 -25.55 56.24
C TYR A 734 -22.16 -24.24 56.15
N SER A 735 -21.48 -23.14 55.88
CA SER A 735 -22.00 -21.79 56.05
C SER A 735 -23.11 -21.50 54.99
N GLY A 736 -23.76 -20.31 54.98
CA GLY A 736 -23.14 -19.01 55.19
C GLY A 736 -22.38 -18.64 53.93
N TYR A 737 -21.07 -18.52 54.03
CA TYR A 737 -20.25 -18.18 52.88
C TYR A 737 -20.62 -19.04 51.68
N PRO A 738 -20.65 -18.48 50.46
CA PRO A 738 -21.32 -19.15 49.34
C PRO A 738 -20.62 -20.41 48.87
N ASP A 739 -21.20 -21.06 47.86
CA ASP A 739 -20.62 -22.25 47.25
C ASP A 739 -19.78 -21.80 46.06
N TYR A 740 -18.47 -21.95 46.17
CA TYR A 740 -17.55 -21.53 45.12
C TYR A 740 -17.20 -22.65 44.15
N SER A 741 -17.77 -23.84 44.33
CA SER A 741 -17.74 -24.89 43.32
C SER A 741 -19.17 -25.05 42.81
N ASP A 742 -19.43 -24.51 41.62
CA ASP A 742 -20.73 -24.58 40.95
C ASP A 742 -20.69 -23.73 39.69
N PRO A 743 -21.20 -24.22 38.55
CA PRO A 743 -21.55 -23.29 37.47
C PRO A 743 -22.69 -22.38 37.91
N SER A 744 -23.76 -23.00 38.40
CA SER A 744 -24.83 -22.36 39.15
C SER A 744 -25.24 -21.01 38.58
N ASN A 745 -25.19 -19.99 39.44
CA ASN A 745 -25.39 -18.62 39.01
C ASN A 745 -24.20 -18.18 38.16
N ILE A 746 -24.46 -17.75 36.93
CA ILE A 746 -23.42 -17.22 36.06
C ILE A 746 -23.58 -15.72 35.99
N ARG A 747 -22.68 -15.06 35.26
CA ARG A 747 -22.70 -13.61 35.09
C ARG A 747 -23.17 -13.29 33.67
N MET A 748 -23.85 -12.16 33.53
CA MET A 748 -24.40 -11.76 32.24
C MET A 748 -24.16 -10.28 32.00
N SER A 749 -24.20 -9.90 30.72
CA SER A 749 -24.10 -8.52 30.29
C SER A 749 -24.78 -8.39 28.94
N ALA A 750 -25.26 -7.18 28.63
CA ALA A 750 -25.73 -6.87 27.30
C ALA A 750 -25.52 -5.38 27.06
N GLY A 751 -25.12 -5.02 25.83
CA GLY A 751 -24.91 -3.61 25.55
C GLY A 751 -24.26 -3.41 24.19
N ILE A 752 -23.66 -2.24 24.02
CA ILE A 752 -23.09 -1.80 22.75
C ILE A 752 -21.59 -1.60 22.94
N ALA A 753 -20.80 -2.07 21.97
CA ALA A 753 -19.36 -1.88 21.97
C ALA A 753 -18.90 -1.54 20.57
N LEU A 754 -17.82 -0.77 20.49
CA LEU A 754 -17.27 -0.39 19.20
C LEU A 754 -15.75 -0.39 19.26
N GLN A 755 -15.15 -0.68 18.11
CA GLN A 755 -13.70 -0.73 17.91
C GLN A 755 -13.34 0.23 16.78
N TRP A 756 -12.42 1.15 17.06
CA TRP A 756 -12.02 2.20 16.13
C TRP A 756 -10.50 2.14 15.97
N MET A 757 -10.05 1.87 14.75
CA MET A 757 -8.62 1.76 14.49
C MET A 757 -8.01 3.15 14.36
N SER A 758 -7.11 3.48 15.26
CA SER A 758 -6.42 4.77 15.27
C SER A 758 -4.99 4.62 14.77
N PRO A 759 -4.26 5.72 14.61
CA PRO A 759 -2.81 5.59 14.40
C PRO A 759 -2.08 5.14 15.66
N LEU A 760 -2.62 5.44 16.84
CA LEU A 760 -1.98 5.03 18.08
C LEU A 760 -2.26 3.55 18.38
N GLY A 761 -3.38 3.03 17.92
CA GLY A 761 -3.70 1.62 18.08
C GLY A 761 -5.19 1.38 17.98
N PRO A 762 -5.60 0.11 17.93
CA PRO A 762 -7.04 -0.19 17.94
C PRO A 762 -7.66 0.16 19.28
N LEU A 763 -8.76 0.91 19.23
CA LEU A 763 -9.45 1.38 20.42
C LEU A 763 -10.72 0.57 20.61
N VAL A 764 -10.94 0.04 21.81
CA VAL A 764 -12.13 -0.74 22.08
C VAL A 764 -12.85 -0.15 23.28
N PHE A 765 -14.07 0.35 23.07
CA PHE A 765 -14.86 0.82 24.19
C PHE A 765 -16.23 0.15 24.20
N SER A 766 -16.77 -0.03 25.41
CA SER A 766 -17.99 -0.80 25.60
C SER A 766 -18.83 -0.22 26.72
N TYR A 767 -20.14 -0.28 26.55
CA TYR A 767 -21.12 0.13 27.56
C TYR A 767 -22.20 -0.93 27.62
N ALA A 768 -22.38 -1.57 28.76
CA ALA A 768 -23.24 -2.74 28.84
C ALA A 768 -23.59 -3.04 30.30
N GLN A 769 -24.23 -4.19 30.51
CA GLN A 769 -24.28 -4.90 31.80
C GLN A 769 -25.29 -4.33 32.81
N PRO A 770 -25.80 -5.20 33.71
CA PRO A 770 -25.90 -6.66 33.58
C PRO A 770 -27.28 -7.20 33.18
N PHE A 771 -27.37 -8.51 32.96
CA PHE A 771 -28.58 -9.28 33.17
C PHE A 771 -28.56 -10.09 34.46
N LYS A 772 -27.44 -10.07 35.18
CA LYS A 772 -27.12 -11.02 36.24
C LYS A 772 -26.22 -10.31 37.24
N LYS A 773 -25.51 -11.09 38.08
CA LYS A 773 -24.75 -10.54 39.20
C LYS A 773 -25.72 -9.84 40.15
N TYR A 774 -26.52 -10.58 40.95
CA TYR A 774 -26.25 -11.94 41.45
C TYR A 774 -24.86 -12.02 42.10
N ASP A 775 -24.50 -10.93 42.77
CA ASP A 775 -23.25 -10.82 43.53
C ASP A 775 -22.03 -11.06 42.64
N GLY A 776 -21.97 -10.36 41.51
CA GLY A 776 -20.74 -10.25 40.77
C GLY A 776 -19.80 -9.21 41.33
N ASP A 777 -20.16 -8.62 42.47
CA ASP A 777 -19.39 -7.58 43.16
C ASP A 777 -19.26 -6.38 42.23
N LYS A 778 -18.06 -5.93 41.88
CA LYS A 778 -17.89 -4.63 41.27
C LYS A 778 -18.38 -4.65 39.82
N ALA A 779 -18.36 -3.47 39.19
CA ALA A 779 -18.90 -3.31 37.85
C ALA A 779 -18.25 -2.10 37.20
N GLU A 780 -18.38 -2.03 35.87
CA GLU A 780 -17.80 -0.95 35.09
C GLU A 780 -18.86 -0.20 34.29
N GLN A 781 -19.54 -0.89 33.36
CA GLN A 781 -20.54 -0.32 32.47
C GLN A 781 -19.92 0.62 31.44
N PHE A 782 -18.66 0.99 31.65
CA PHE A 782 -17.90 1.75 30.66
C PHE A 782 -16.48 1.21 30.65
N GLN A 783 -16.00 0.78 29.49
CA GLN A 783 -14.66 0.21 29.41
C GLN A 783 -13.93 0.72 28.17
N PHE A 784 -12.71 1.20 28.38
CA PHE A 784 -11.85 1.71 27.32
C PHE A 784 -10.53 0.95 27.37
N ASN A 785 -10.19 0.29 26.26
CA ASN A 785 -9.05 -0.63 26.25
C ASN A 785 -8.25 -0.45 24.97
N ILE A 786 -6.95 -0.23 25.13
CA ILE A 786 -5.98 -0.34 24.05
C ILE A 786 -4.72 -1.09 24.53
N GLY A 787 -4.45 -2.28 24.01
CA GLY A 787 -5.40 -3.10 23.27
C GLY A 787 -5.42 -2.94 21.77
N LYS A 788 -5.63 -4.01 21.00
CA LYS A 788 -5.43 -5.43 21.36
C LYS A 788 -6.18 -6.03 22.55
N THR A 789 -7.49 -6.21 22.41
CA THR A 789 -8.27 -6.95 23.39
C THR A 789 -9.34 -7.78 22.68
N TRP A 790 -9.45 -9.05 23.06
CA TRP A 790 -10.49 -9.91 22.52
C TRP A 790 -11.51 -10.26 23.60
N GLU B 7 -6.40 31.50 8.00
CA GLU B 7 -7.09 32.39 7.07
C GLU B 7 -6.17 33.50 6.59
N VAL B 8 -5.95 33.56 5.28
CA VAL B 8 -5.08 34.57 4.67
C VAL B 8 -5.93 35.81 4.39
N PRO B 9 -5.39 37.02 4.59
CA PRO B 9 -6.18 38.23 4.30
C PRO B 9 -6.08 38.67 2.85
N ASP B 10 -6.70 39.82 2.55
CA ASP B 10 -6.67 40.44 1.24
C ASP B 10 -5.51 41.42 1.09
N ASN B 11 -4.58 41.43 2.05
CA ASN B 11 -3.47 42.36 2.05
C ASN B 11 -2.80 42.38 0.68
N PRO B 12 -2.31 43.54 0.22
CA PRO B 12 -1.91 43.72 -1.19
C PRO B 12 -1.02 42.59 -1.68
N PRO B 13 -1.18 42.21 -2.95
CA PRO B 13 -0.54 40.96 -3.43
C PRO B 13 0.97 40.96 -3.33
N ASN B 14 1.61 42.13 -3.33
CA ASN B 14 3.07 42.14 -3.20
C ASN B 14 3.52 41.96 -1.76
N GLU B 15 2.72 42.42 -0.80
CA GLU B 15 3.10 42.31 0.61
C GLU B 15 2.84 40.92 1.17
N ILE B 16 1.79 40.24 0.69
CA ILE B 16 1.49 38.89 1.16
C ILE B 16 2.64 37.95 0.83
N TYR B 17 3.27 38.13 -0.33
CA TYR B 17 4.44 37.34 -0.68
C TYR B 17 5.64 37.70 0.20
N ALA B 18 5.68 38.93 0.75
CA ALA B 18 6.75 39.29 1.65
C ALA B 18 6.58 38.61 3.01
N THR B 19 5.35 38.66 3.55
CA THR B 19 5.08 37.96 4.81
C THR B 19 5.30 36.46 4.66
N ALA B 20 4.80 35.88 3.57
CA ALA B 20 5.06 34.47 3.28
C ALA B 20 6.53 34.21 2.97
N GLN B 21 7.28 35.25 2.60
CA GLN B 21 8.70 35.07 2.33
C GLN B 21 9.51 35.00 3.61
N GLN B 22 9.23 35.87 4.57
CA GLN B 22 9.88 35.77 5.88
C GLN B 22 9.44 34.51 6.60
N LYS B 23 8.13 34.25 6.63
CA LYS B 23 7.63 33.02 7.23
C LYS B 23 8.07 31.78 6.45
N LEU B 24 8.52 31.94 5.21
CA LEU B 24 9.10 30.82 4.49
C LEU B 24 10.56 30.60 4.89
N GLN B 25 11.34 31.69 5.00
CA GLN B 25 12.73 31.55 5.40
C GLN B 25 12.87 31.01 6.81
N ASP B 26 12.33 31.74 7.79
CA ASP B 26 12.48 31.32 9.19
C ASP B 26 11.43 30.28 9.59
N GLY B 27 10.20 30.43 9.10
CA GLY B 27 9.06 29.85 9.74
C GLY B 27 8.96 28.33 9.59
N ASN B 28 7.78 27.85 9.96
CA ASN B 28 7.44 26.44 10.12
C ASN B 28 6.93 25.81 8.83
N TRP B 29 7.11 26.46 7.68
CA TRP B 29 6.45 26.08 6.43
C TRP B 29 4.95 26.31 6.53
N ARG B 30 4.16 25.23 6.59
CA ARG B 30 2.78 25.19 6.12
C ARG B 30 1.97 26.46 6.39
N GLN B 31 2.20 27.12 7.53
CA GLN B 31 1.57 28.42 7.75
C GLN B 31 1.96 29.42 6.67
N ALA B 32 3.20 29.35 6.15
CA ALA B 32 3.57 30.14 4.99
C ALA B 32 3.07 29.51 3.70
N ILE B 33 2.98 28.17 3.66
CA ILE B 33 2.46 27.48 2.49
C ILE B 33 1.06 27.98 2.15
N THR B 34 0.25 28.27 3.18
CA THR B 34 -1.10 28.78 2.94
C THR B 34 -1.05 30.08 2.13
N GLN B 35 -0.22 31.03 2.55
CA GLN B 35 -0.09 32.26 1.80
C GLN B 35 0.51 32.04 0.43
N LEU B 36 1.34 31.01 0.27
CA LEU B 36 1.87 30.72 -1.08
C LEU B 36 0.79 30.12 -1.98
N GLU B 37 -0.14 29.35 -1.43
CA GLU B 37 -1.20 28.77 -2.24
C GLU B 37 -2.23 29.83 -2.60
N ALA B 38 -2.58 30.70 -1.65
CA ALA B 38 -3.45 31.83 -1.96
C ALA B 38 -2.79 32.75 -2.97
N LEU B 39 -1.48 32.96 -2.84
CA LEU B 39 -0.74 33.73 -3.83
C LEU B 39 -0.65 33.01 -5.17
N ASP B 40 -0.85 31.69 -5.19
CA ASP B 40 -0.96 30.97 -6.46
C ASP B 40 -2.34 31.16 -7.08
N ASN B 41 -3.39 31.16 -6.25
CA ASN B 41 -4.73 31.46 -6.75
C ASN B 41 -4.78 32.84 -7.39
N ARG B 42 -4.53 33.89 -6.60
CA ARG B 42 -4.43 35.23 -7.15
C ARG B 42 -3.27 35.31 -8.12
N TYR B 43 -3.39 36.21 -9.11
CA TYR B 43 -2.42 36.36 -10.18
C TYR B 43 -2.16 35.01 -10.84
N PRO B 44 -3.11 34.49 -11.62
CA PRO B 44 -2.94 33.14 -12.19
C PRO B 44 -1.74 33.02 -13.10
N PHE B 45 -1.50 34.00 -13.97
CA PHE B 45 -0.32 34.00 -14.85
C PHE B 45 0.57 35.16 -14.44
N GLY B 46 1.69 34.84 -13.78
CA GLY B 46 2.71 35.81 -13.44
C GLY B 46 2.27 36.95 -12.53
N PRO B 47 3.18 37.88 -12.25
CA PRO B 47 4.63 37.71 -12.48
C PRO B 47 5.24 36.75 -11.46
N TYR B 48 4.60 36.63 -10.30
CA TYR B 48 5.10 35.82 -9.19
C TYR B 48 4.78 34.34 -9.33
N SER B 49 3.95 33.95 -10.31
CA SER B 49 3.46 32.58 -10.37
C SER B 49 4.59 31.56 -10.42
N GLN B 50 5.67 31.88 -11.13
CA GLN B 50 6.81 30.96 -11.23
C GLN B 50 7.48 30.80 -9.87
N GLN B 51 7.88 31.91 -9.25
CA GLN B 51 8.61 31.83 -7.98
C GLN B 51 7.70 31.34 -6.86
N VAL B 52 6.42 31.72 -6.90
CA VAL B 52 5.46 31.21 -5.92
C VAL B 52 5.32 29.70 -6.07
N GLN B 53 5.32 29.22 -7.31
CA GLN B 53 5.20 27.78 -7.55
C GLN B 53 6.44 27.03 -7.07
N LEU B 54 7.63 27.61 -7.30
CA LEU B 54 8.85 26.97 -6.82
C LEU B 54 8.91 26.95 -5.30
N ASP B 55 8.51 28.05 -4.65
CA ASP B 55 8.46 28.06 -3.20
C ASP B 55 7.45 27.05 -2.67
N LEU B 56 6.32 26.89 -3.37
CA LEU B 56 5.36 25.85 -3.02
C LEU B 56 6.00 24.47 -3.11
N ILE B 57 6.77 24.22 -4.17
CA ILE B 57 7.48 22.96 -4.31
C ILE B 57 8.41 22.73 -3.13
N TYR B 58 9.39 23.62 -2.94
CA TYR B 58 10.38 23.48 -1.89
C TYR B 58 9.73 23.28 -0.52
N ALA B 59 8.76 24.13 -0.19
CA ALA B 59 8.11 24.04 1.12
C ALA B 59 7.32 22.75 1.26
N TYR B 60 6.60 22.36 0.20
CA TYR B 60 5.87 21.09 0.22
C TYR B 60 6.80 19.93 0.50
N TYR B 61 7.96 19.90 -0.17
CA TYR B 61 8.91 18.82 0.04
C TYR B 61 9.44 18.82 1.47
N LYS B 62 9.95 19.97 1.93
CA LYS B 62 10.52 20.02 3.27
C LYS B 62 9.46 19.84 4.37
N ASN B 63 8.18 19.91 4.04
CA ASN B 63 7.11 19.70 5.01
C ASN B 63 6.57 18.28 5.01
N ALA B 64 7.17 17.38 4.23
CA ALA B 64 6.68 16.00 4.06
C ALA B 64 5.26 15.97 3.48
N ASP B 65 4.97 16.93 2.60
CA ASP B 65 3.73 17.01 1.85
C ASP B 65 3.80 16.27 0.52
N LEU B 66 4.82 15.41 0.36
CA LEU B 66 5.40 14.88 -0.87
C LEU B 66 4.40 14.54 -1.99
N PRO B 67 3.21 13.99 -1.72
CA PRO B 67 2.25 13.86 -2.83
C PRO B 67 1.89 15.19 -3.48
N LEU B 68 1.57 16.20 -2.66
CA LEU B 68 1.22 17.51 -3.20
C LEU B 68 2.42 18.16 -3.87
N ALA B 69 3.62 17.99 -3.29
CA ALA B 69 4.83 18.45 -3.96
C ALA B 69 4.97 17.81 -5.33
N GLN B 70 4.88 16.48 -5.39
CA GLN B 70 4.96 15.72 -6.64
C GLN B 70 4.03 16.32 -7.69
N ALA B 71 2.72 16.34 -7.40
CA ALA B 71 1.77 16.93 -8.33
C ALA B 71 2.17 18.35 -8.72
N ALA B 72 2.72 19.11 -7.77
CA ALA B 72 3.09 20.50 -8.05
C ALA B 72 4.21 20.59 -9.08
N ILE B 73 5.32 19.90 -8.85
CA ILE B 73 6.43 19.99 -9.80
C ILE B 73 6.05 19.33 -11.12
N ASP B 74 5.11 18.38 -11.11
CA ASP B 74 4.63 17.84 -12.37
C ASP B 74 3.89 18.90 -13.16
N ARG B 75 3.00 19.65 -12.49
CA ARG B 75 2.32 20.77 -13.15
C ARG B 75 3.31 21.82 -13.63
N PHE B 76 4.39 22.05 -12.89
CA PHE B 76 5.38 23.04 -13.31
C PHE B 76 6.15 22.57 -14.53
N ILE B 77 6.71 21.36 -14.48
CA ILE B 77 7.55 20.87 -15.56
C ILE B 77 6.72 20.64 -16.82
N ARG B 78 5.43 20.35 -16.67
CA ARG B 78 4.57 20.25 -17.85
C ARG B 78 4.13 21.62 -18.35
N LEU B 79 3.94 22.58 -17.43
CA LEU B 79 3.41 23.89 -17.81
C LEU B 79 4.42 24.69 -18.64
N ASN B 80 5.62 24.90 -18.11
CA ASN B 80 6.61 25.78 -18.73
C ASN B 80 8.00 25.17 -18.63
N PRO B 81 8.33 24.25 -19.52
CA PRO B 81 9.69 23.68 -19.58
C PRO B 81 10.55 24.44 -20.59
N THR B 82 10.95 25.66 -20.24
CA THR B 82 11.53 26.55 -21.25
C THR B 82 12.97 26.15 -21.64
N HIS B 83 14.03 26.25 -20.82
CA HIS B 83 14.20 26.86 -19.50
C HIS B 83 15.74 26.93 -19.39
N PRO B 84 16.35 27.24 -18.22
CA PRO B 84 16.14 27.18 -16.75
C PRO B 84 15.17 28.21 -16.16
N ASN B 85 14.82 28.08 -14.87
CA ASN B 85 15.25 26.95 -14.03
C ASN B 85 14.25 25.80 -13.95
N ILE B 86 14.66 24.67 -14.52
CA ILE B 86 13.91 23.41 -14.46
C ILE B 86 14.69 22.36 -13.69
N ASP B 87 15.93 22.09 -14.11
CA ASP B 87 16.73 20.99 -13.55
C ASP B 87 16.67 20.95 -12.03
N TYR B 88 16.52 22.11 -11.38
CA TYR B 88 16.18 22.10 -9.95
C TYR B 88 14.87 21.36 -9.72
N VAL B 89 13.85 21.63 -10.56
CA VAL B 89 12.55 21.00 -10.38
C VAL B 89 12.63 19.51 -10.68
N MET B 90 13.44 19.12 -11.67
CA MET B 90 13.63 17.69 -11.94
C MET B 90 14.32 17.01 -10.77
N TYR B 91 15.36 17.65 -10.22
CA TYR B 91 16.02 17.13 -9.03
C TYR B 91 15.07 17.04 -7.85
N MET B 92 14.05 17.91 -7.81
CA MET B 92 13.02 17.80 -6.79
C MET B 92 12.05 16.66 -7.09
N ARG B 93 11.84 16.32 -8.37
CA ARG B 93 11.03 15.16 -8.71
C ARG B 93 11.71 13.88 -8.25
N GLY B 94 12.95 13.67 -8.69
CA GLY B 94 13.67 12.49 -8.26
C GLY B 94 13.93 12.46 -6.77
N LEU B 95 14.13 13.64 -6.17
CA LEU B 95 14.36 13.71 -4.73
C LEU B 95 13.11 13.36 -3.94
N THR B 96 11.95 13.82 -4.42
CA THR B 96 10.69 13.48 -3.74
C THR B 96 10.37 12.00 -3.92
N ASN B 97 10.55 11.48 -5.15
CA ASN B 97 10.32 10.05 -5.35
C ASN B 97 11.27 9.20 -4.53
N MET B 98 12.50 9.67 -4.31
CA MET B 98 13.40 8.95 -3.43
C MET B 98 12.95 9.05 -1.98
N ALA B 99 12.40 10.21 -1.59
CA ALA B 99 11.89 10.36 -0.24
C ALA B 99 10.60 9.58 -0.02
N LEU B 100 9.94 9.13 -1.09
CA LEU B 100 8.79 8.24 -0.92
C LEU B 100 9.23 6.85 -0.48
N ASP B 101 10.43 6.43 -0.88
CA ASP B 101 11.05 5.29 -0.24
C ASP B 101 11.54 5.71 1.15
N ASP B 102 12.04 4.74 1.91
CA ASP B 102 12.51 5.01 3.28
C ASP B 102 11.40 5.72 4.08
N SER B 103 10.39 4.92 4.44
CA SER B 103 9.10 5.43 4.93
C SER B 103 9.21 6.60 5.95
N ALA B 104 9.99 6.51 7.05
CA ALA B 104 10.40 5.33 7.80
C ALA B 104 10.70 5.74 9.24
N LEU B 105 10.43 4.85 10.18
CA LEU B 105 11.14 4.83 11.45
C LEU B 105 12.28 3.82 11.40
N GLN B 106 12.50 3.21 10.25
CA GLN B 106 13.40 2.06 10.07
C GLN B 106 14.91 2.25 9.79
N GLY B 107 15.45 3.42 9.44
CA GLY B 107 14.84 4.75 9.51
C GLY B 107 15.27 5.35 10.83
N PHE B 108 15.56 4.44 11.77
CA PHE B 108 16.29 4.71 12.99
C PHE B 108 17.34 3.61 13.13
N PHE B 109 16.88 2.38 13.24
CA PHE B 109 17.76 1.22 13.38
C PHE B 109 18.47 0.94 12.06
N GLY B 110 19.25 -0.14 12.05
CA GLY B 110 20.11 -0.47 10.93
C GLY B 110 19.50 -1.39 9.89
N VAL B 111 18.16 -1.40 9.78
CA VAL B 111 17.51 -2.33 8.87
C VAL B 111 17.88 -1.99 7.41
N ASP B 112 17.74 -3.00 6.55
CA ASP B 112 18.03 -2.85 5.13
C ASP B 112 16.71 -2.75 4.37
N ARG B 113 16.43 -1.55 3.84
CA ARG B 113 15.24 -1.27 3.04
C ARG B 113 15.23 -1.99 1.70
N SER B 114 16.30 -2.73 1.38
CA SER B 114 16.58 -3.16 0.01
C SER B 114 15.42 -3.84 -0.70
N ASP B 115 14.46 -4.41 0.02
CA ASP B 115 13.38 -5.08 -0.71
C ASP B 115 12.11 -4.25 -0.77
N ARG B 116 11.27 -4.31 0.27
CA ARG B 116 10.05 -3.52 0.38
C ARG B 116 9.27 -3.46 -0.94
N ASP B 117 8.85 -2.27 -1.33
CA ASP B 117 8.28 -2.03 -2.67
C ASP B 117 9.15 -1.04 -3.42
N PRO B 118 9.92 -1.46 -4.43
CA PRO B 118 10.81 -0.55 -5.16
C PRO B 118 10.18 0.10 -6.39
N GLN B 119 8.97 0.65 -6.22
CA GLN B 119 8.42 1.45 -7.31
C GLN B 119 8.92 2.90 -7.25
N HIS B 120 8.99 3.46 -6.04
CA HIS B 120 9.45 4.84 -5.90
C HIS B 120 10.92 4.98 -6.27
N ALA B 121 11.72 3.95 -6.02
CA ALA B 121 13.13 3.97 -6.41
C ALA B 121 13.26 3.97 -7.94
N ARG B 122 12.40 3.21 -8.62
CA ARG B 122 12.43 3.20 -10.08
C ARG B 122 11.97 4.55 -10.64
N ALA B 123 10.94 5.14 -10.03
CA ALA B 123 10.50 6.47 -10.46
C ALA B 123 11.60 7.50 -10.27
N ALA B 124 12.29 7.46 -9.12
CA ALA B 124 13.39 8.38 -8.88
C ALA B 124 14.55 8.14 -9.84
N PHE B 125 14.79 6.88 -10.21
CA PHE B 125 15.83 6.59 -11.19
C PHE B 125 15.47 7.15 -12.56
N SER B 126 14.18 7.10 -12.92
CA SER B 126 13.76 7.67 -14.18
C SER B 126 13.89 9.19 -14.18
N ASP B 127 13.48 9.82 -13.07
CA ASP B 127 13.52 11.28 -13.00
C ASP B 127 14.95 11.81 -12.98
N PHE B 128 15.79 11.24 -12.12
CA PHE B 128 17.21 11.63 -12.13
C PHE B 128 17.87 11.28 -13.46
N SER B 129 17.45 10.18 -14.09
CA SER B 129 17.99 9.81 -15.39
C SER B 129 17.69 10.88 -16.44
N LYS B 130 16.42 11.30 -16.54
CA LYS B 130 16.08 12.36 -17.49
C LYS B 130 16.63 13.71 -17.04
N LEU B 131 17.06 13.84 -15.78
CA LEU B 131 17.72 15.06 -15.35
C LEU B 131 19.17 15.12 -15.85
N VAL B 132 19.89 14.01 -15.75
CA VAL B 132 21.30 14.02 -16.16
C VAL B 132 21.44 13.91 -17.68
N ARG B 133 20.53 13.22 -18.34
CA ARG B 133 20.68 12.88 -19.76
C ARG B 133 20.06 13.72 -20.91
N GLY B 134 19.41 14.87 -20.68
CA GLY B 134 19.41 15.64 -19.45
C GLY B 134 20.33 16.85 -19.55
N TYR B 135 20.62 17.47 -18.41
CA TYR B 135 21.44 18.68 -18.33
C TYR B 135 22.66 18.39 -17.46
N PRO B 136 23.72 17.78 -18.03
CA PRO B 136 24.92 17.45 -17.26
C PRO B 136 25.81 18.66 -16.98
N ASN B 137 25.19 19.73 -16.50
CA ASN B 137 25.85 20.99 -16.18
C ASN B 137 25.43 21.46 -14.79
N SER B 138 24.12 21.65 -14.62
CA SER B 138 23.57 22.33 -13.46
C SER B 138 24.08 21.73 -12.16
N GLN B 139 24.15 22.59 -11.13
CA GLN B 139 24.84 22.26 -9.88
C GLN B 139 24.40 20.93 -9.29
N TYR B 140 23.15 20.52 -9.53
CA TYR B 140 22.73 19.18 -9.16
C TYR B 140 22.73 18.32 -10.42
N THR B 141 23.83 17.59 -10.62
CA THR B 141 23.95 16.55 -11.63
C THR B 141 24.70 15.39 -11.00
N THR B 142 25.96 15.65 -10.65
CA THR B 142 26.81 14.66 -10.00
C THR B 142 26.15 14.05 -8.77
N ASP B 143 25.50 14.88 -7.95
CA ASP B 143 24.74 14.34 -6.82
C ASP B 143 23.63 13.43 -7.29
N ALA B 144 22.89 13.87 -8.32
CA ALA B 144 21.88 13.01 -8.92
C ALA B 144 22.50 11.75 -9.50
N THR B 145 23.74 11.84 -9.99
CA THR B 145 24.42 10.66 -10.52
C THR B 145 24.71 9.66 -9.40
N LYS B 146 25.26 10.14 -8.28
CA LYS B 146 25.53 9.24 -7.16
C LYS B 146 24.24 8.62 -6.64
N ARG B 147 23.16 9.41 -6.58
CA ARG B 147 21.86 8.83 -6.26
C ARG B 147 21.42 7.82 -7.31
N LEU B 148 21.90 7.98 -8.56
CA LEU B 148 21.53 7.02 -9.60
C LEU B 148 22.24 5.68 -9.38
N VAL B 149 23.53 5.69 -9.06
CA VAL B 149 24.20 4.42 -8.78
C VAL B 149 23.64 3.79 -7.52
N PHE B 150 23.34 4.60 -6.50
CA PHE B 150 22.71 4.07 -5.30
C PHE B 150 21.37 3.40 -5.62
N LEU B 151 20.56 4.05 -6.47
CA LEU B 151 19.26 3.48 -6.83
C LEU B 151 19.43 2.18 -7.62
N LYS B 152 20.34 2.17 -8.59
CA LYS B 152 20.60 0.96 -9.37
C LYS B 152 20.99 -0.20 -8.46
N ASP B 153 21.96 0.04 -7.57
CA ASP B 153 22.38 -1.00 -6.63
C ASP B 153 21.21 -1.44 -5.77
N ARG B 154 20.32 -0.51 -5.40
CA ARG B 154 19.19 -0.86 -4.55
C ARG B 154 18.20 -1.77 -5.26
N LEU B 155 17.84 -1.44 -6.50
CA LEU B 155 16.96 -2.31 -7.28
C LEU B 155 17.58 -3.69 -7.45
N ALA B 156 18.88 -3.73 -7.77
CA ALA B 156 19.57 -5.01 -7.82
C ALA B 156 19.46 -5.74 -6.49
N LYS B 157 19.47 -5.00 -5.37
CA LYS B 157 19.31 -5.62 -4.06
C LYS B 157 17.92 -6.23 -3.91
N TYR B 158 16.89 -5.59 -4.46
CA TYR B 158 15.55 -6.18 -4.42
C TYR B 158 15.52 -7.49 -5.19
N GLU B 159 16.00 -7.46 -6.44
CA GLU B 159 16.03 -8.70 -7.22
C GLU B 159 16.82 -9.78 -6.52
N TYR B 160 17.92 -9.40 -5.85
CA TYR B 160 18.72 -10.36 -5.10
C TYR B 160 17.95 -10.90 -3.89
N SER B 161 17.08 -10.09 -3.30
CA SER B 161 16.28 -10.56 -2.18
C SER B 161 15.26 -11.60 -2.63
N VAL B 162 14.52 -11.29 -3.71
CA VAL B 162 13.57 -12.26 -4.25
C VAL B 162 14.29 -13.54 -4.66
N ALA B 163 15.47 -13.40 -5.27
CA ALA B 163 16.26 -14.57 -5.63
C ALA B 163 16.70 -15.35 -4.39
N GLU B 164 16.94 -14.66 -3.28
CA GLU B 164 17.35 -15.36 -2.06
C GLU B 164 16.21 -16.17 -1.47
N TYR B 165 15.04 -15.54 -1.27
CA TYR B 165 13.90 -16.29 -0.75
C TYR B 165 13.55 -17.45 -1.67
N TYR B 166 13.43 -17.18 -2.98
CA TYR B 166 13.08 -18.25 -3.90
C TYR B 166 14.15 -19.33 -3.94
N THR B 167 15.40 -18.98 -3.63
CA THR B 167 16.41 -20.01 -3.42
C THR B 167 16.07 -20.85 -2.20
N GLU B 168 15.60 -20.21 -1.12
CA GLU B 168 15.23 -20.96 0.07
C GLU B 168 14.02 -21.85 -0.17
N ARG B 169 13.14 -21.48 -1.11
CA ARG B 169 11.90 -22.21 -1.32
C ARG B 169 12.03 -23.41 -2.25
N GLY B 170 13.11 -23.50 -3.03
CA GLY B 170 13.18 -24.51 -4.08
C GLY B 170 12.65 -24.04 -5.42
N ALA B 171 12.68 -22.73 -5.67
CA ALA B 171 12.06 -22.08 -6.82
C ALA B 171 12.98 -22.01 -8.03
N TRP B 172 14.05 -22.80 -8.07
CA TRP B 172 15.23 -22.59 -8.89
C TRP B 172 14.96 -22.09 -10.31
N VAL B 173 13.89 -22.54 -10.95
CA VAL B 173 13.50 -21.94 -12.23
C VAL B 173 13.31 -20.43 -12.06
N ALA B 174 12.52 -20.02 -11.07
CA ALA B 174 12.33 -18.60 -10.81
C ALA B 174 13.62 -17.93 -10.38
N VAL B 175 14.53 -18.68 -9.74
CA VAL B 175 15.82 -18.11 -9.36
C VAL B 175 16.64 -17.77 -10.60
N VAL B 176 16.69 -18.69 -11.56
CA VAL B 176 17.44 -18.46 -12.79
C VAL B 176 16.80 -17.34 -13.59
N ASN B 177 15.46 -17.29 -13.63
CA ASN B 177 14.80 -16.19 -14.33
C ASN B 177 15.09 -14.85 -13.66
N ARG B 178 15.15 -14.83 -12.32
CA ARG B 178 15.40 -13.58 -11.62
C ARG B 178 16.84 -13.10 -11.83
N VAL B 179 17.81 -13.99 -11.63
CA VAL B 179 19.21 -13.60 -11.79
C VAL B 179 19.49 -13.24 -13.25
N GLU B 180 18.92 -14.01 -14.18
CA GLU B 180 18.99 -13.64 -15.60
C GLU B 180 18.43 -12.24 -15.82
N GLY B 181 17.32 -11.92 -15.17
CA GLY B 181 16.79 -10.57 -15.26
C GLY B 181 17.70 -9.53 -14.64
N MET B 182 18.52 -9.93 -13.66
CA MET B 182 19.48 -9.01 -13.07
C MET B 182 20.61 -8.71 -14.04
N LEU B 183 21.20 -9.75 -14.63
CA LEU B 183 22.23 -9.54 -15.64
C LEU B 183 21.69 -8.86 -16.88
N ARG B 184 20.38 -8.99 -17.14
CA ARG B 184 19.74 -8.33 -18.27
C ARG B 184 19.21 -6.95 -17.91
N ASP B 185 19.46 -6.47 -16.70
CA ASP B 185 19.07 -5.12 -16.31
C ASP B 185 20.25 -4.38 -15.68
N TYR B 186 20.74 -4.89 -14.54
CA TYR B 186 21.84 -4.28 -13.79
C TYR B 186 23.01 -5.25 -13.76
N PRO B 187 23.75 -5.39 -14.86
CA PRO B 187 24.87 -6.32 -14.87
C PRO B 187 26.06 -5.85 -14.04
N ASP B 188 26.22 -4.55 -13.86
CA ASP B 188 27.40 -3.98 -13.22
C ASP B 188 27.23 -3.75 -11.72
N THR B 189 26.10 -4.12 -11.14
CA THR B 189 25.85 -3.86 -9.74
C THR B 189 26.50 -4.94 -8.86
N GLN B 190 26.38 -4.75 -7.54
CA GLN B 190 26.96 -5.70 -6.60
C GLN B 190 26.09 -6.94 -6.46
N ALA B 191 24.77 -6.75 -6.33
CA ALA B 191 23.86 -7.86 -6.09
C ALA B 191 23.81 -8.84 -7.25
N THR B 192 24.26 -8.43 -8.44
CA THR B 192 24.36 -9.37 -9.55
C THR B 192 25.54 -10.32 -9.36
N ARG B 193 26.71 -9.76 -9.03
CA ARG B 193 27.88 -10.60 -8.78
C ARG B 193 27.67 -11.49 -7.56
N ASP B 194 27.02 -10.96 -6.52
CA ASP B 194 26.65 -11.81 -5.39
C ASP B 194 25.52 -12.77 -5.73
N ALA B 195 24.77 -12.48 -6.79
CA ALA B 195 23.66 -13.33 -7.21
C ALA B 195 24.06 -14.41 -8.20
N LEU B 196 25.29 -14.36 -8.71
CA LEU B 196 25.74 -15.42 -9.61
C LEU B 196 25.81 -16.79 -8.93
N PRO B 197 26.38 -16.95 -7.73
CA PRO B 197 26.36 -18.27 -7.09
C PRO B 197 24.96 -18.81 -6.82
N LEU B 198 23.96 -17.93 -6.69
CA LEU B 198 22.58 -18.40 -6.56
C LEU B 198 22.11 -19.06 -7.85
N MET B 199 22.39 -18.45 -8.99
CA MET B 199 22.03 -19.05 -10.27
C MET B 199 22.83 -20.32 -10.51
N GLU B 200 24.08 -20.37 -10.06
CA GLU B 200 24.87 -21.60 -10.18
C GLU B 200 24.25 -22.72 -9.36
N ASN B 201 23.93 -22.44 -8.09
CA ASN B 201 23.31 -23.44 -7.23
C ASN B 201 21.95 -23.88 -7.77
N ALA B 202 21.22 -22.97 -8.40
CA ALA B 202 19.94 -23.33 -8.98
C ALA B 202 20.13 -24.26 -10.18
N TYR B 203 21.09 -23.91 -11.06
CA TYR B 203 21.39 -24.75 -12.21
C TYR B 203 21.81 -26.16 -11.77
N ARG B 204 22.70 -26.24 -10.79
CA ARG B 204 23.15 -27.54 -10.32
C ARG B 204 22.02 -28.31 -9.65
N GLN B 205 21.17 -27.61 -8.88
CA GLN B 205 20.08 -28.28 -8.19
C GLN B 205 19.03 -28.79 -9.16
N MET B 206 18.91 -28.15 -10.33
CA MET B 206 17.97 -28.58 -11.36
C MET B 206 18.55 -29.65 -12.28
N GLN B 207 19.77 -30.12 -12.00
CA GLN B 207 20.45 -31.14 -12.80
C GLN B 207 20.80 -30.65 -14.21
N MET B 208 21.08 -29.36 -14.34
CA MET B 208 21.66 -28.80 -15.57
C MET B 208 23.09 -28.38 -15.25
N ASN B 209 24.06 -29.16 -15.71
CA ASN B 209 25.46 -28.88 -15.41
C ASN B 209 26.15 -28.06 -16.47
N ALA B 210 25.57 -27.92 -17.67
CA ALA B 210 26.21 -27.11 -18.71
C ALA B 210 26.13 -25.63 -18.35
N GLN B 211 24.92 -25.14 -18.10
CA GLN B 211 24.75 -23.77 -17.63
C GLN B 211 25.44 -23.57 -16.29
N ALA B 212 25.52 -24.62 -15.48
CA ALA B 212 26.22 -24.52 -14.21
C ALA B 212 27.70 -24.24 -14.41
N GLU B 213 28.34 -24.97 -15.34
CA GLU B 213 29.74 -24.69 -15.64
C GLU B 213 29.92 -23.33 -16.29
N LYS B 214 28.94 -22.90 -17.10
CA LYS B 214 29.01 -21.57 -17.70
C LYS B 214 29.03 -20.48 -16.63
N VAL B 215 28.05 -20.51 -15.72
CA VAL B 215 28.01 -19.53 -14.64
C VAL B 215 29.24 -19.67 -13.76
N ALA B 216 29.74 -20.89 -13.58
CA ALA B 216 30.95 -21.07 -12.77
C ALA B 216 32.14 -20.36 -13.41
N LYS B 217 32.29 -20.47 -14.73
CA LYS B 217 33.37 -19.75 -15.40
C LYS B 217 33.14 -18.24 -15.36
N ILE B 218 31.88 -17.80 -15.39
CA ILE B 218 31.60 -16.37 -15.24
C ILE B 218 32.08 -15.89 -13.87
N ILE B 219 31.83 -16.67 -12.82
CA ILE B 219 32.32 -16.32 -11.50
C ILE B 219 33.84 -16.38 -11.47
N ALA B 220 34.45 -17.29 -12.24
CA ALA B 220 35.90 -17.38 -12.28
C ALA B 220 36.53 -16.22 -13.03
N ALA B 221 35.76 -15.52 -13.87
CA ALA B 221 36.30 -14.38 -14.59
C ALA B 221 36.67 -13.24 -13.64
N ASN B 222 35.73 -12.82 -12.80
CA ASN B 222 35.96 -11.74 -11.85
C ASN B 222 36.15 -12.30 -10.45
N SER B 223 36.34 -11.40 -9.48
CA SER B 223 36.29 -11.79 -8.09
C SER B 223 35.22 -10.98 -7.37
N SER B 224 35.54 -9.72 -7.06
CA SER B 224 34.60 -8.72 -6.56
C SER B 224 35.37 -7.43 -6.27
N ASN B 225 34.69 -6.29 -6.27
CA ASN B 225 33.32 -6.16 -6.76
C ASN B 225 33.22 -5.03 -7.77
N SER C 3 17.86 25.17 17.03
CA SER C 3 17.61 25.98 15.84
C SER C 3 18.92 26.30 15.12
N ASP C 4 19.47 25.29 14.44
CA ASP C 4 20.71 25.46 13.70
C ASP C 4 20.51 26.04 12.31
N SER C 5 19.26 26.07 11.82
CA SER C 5 18.88 26.71 10.56
C SER C 5 19.47 26.01 9.34
N ARG C 6 20.33 25.02 9.55
CA ARG C 6 20.93 24.30 8.43
C ARG C 6 20.01 23.23 7.85
N TYR C 7 18.90 22.92 8.51
CA TYR C 7 17.97 21.92 7.96
C TYR C 7 17.16 22.48 6.80
N LYS C 8 17.04 23.79 6.69
CA LYS C 8 16.34 24.38 5.55
C LYS C 8 17.18 24.39 4.29
N ARG C 9 18.50 24.29 4.42
CA ARG C 9 19.42 24.29 3.29
C ARG C 9 19.81 22.89 2.84
N GLN C 10 19.29 21.85 3.48
CA GLN C 10 19.71 20.48 3.25
C GLN C 10 18.51 19.62 2.87
N VAL C 11 18.81 18.42 2.36
CA VAL C 11 17.79 17.45 1.99
C VAL C 11 17.18 16.86 3.25
N SER C 12 16.21 15.95 3.08
CA SER C 12 15.51 15.34 4.19
C SER C 12 16.21 14.07 4.69
N GLY C 13 16.31 13.06 3.82
CA GLY C 13 16.79 11.77 4.23
C GLY C 13 18.27 11.76 4.60
N ASP C 14 18.76 10.55 4.87
CA ASP C 14 20.11 10.36 5.37
C ASP C 14 21.15 10.54 4.26
N GLU C 15 22.42 10.45 4.65
CA GLU C 15 23.55 10.57 3.73
C GLU C 15 24.08 9.22 3.27
N ALA C 16 23.40 8.11 3.64
CA ALA C 16 23.94 6.78 3.40
C ALA C 16 24.18 6.48 1.93
N TYR C 17 23.55 7.21 1.01
CA TYR C 17 23.71 6.90 -0.41
C TYR C 17 25.09 7.26 -0.95
N LEU C 18 25.89 8.01 -0.19
CA LEU C 18 27.25 8.33 -0.64
C LEU C 18 28.20 7.15 -0.44
N GLU C 19 27.94 6.29 0.54
CA GLU C 19 28.80 5.15 0.82
C GLU C 19 28.61 4.01 -0.16
N ALA C 20 27.63 4.10 -1.07
CA ALA C 20 27.36 3.02 -2.01
C ALA C 20 28.60 2.71 -2.84
N ALA C 21 28.91 1.42 -2.95
CA ALA C 21 30.11 1.00 -3.66
C ALA C 21 29.97 1.33 -5.15
N PRO C 22 31.08 1.64 -5.83
CA PRO C 22 31.01 1.96 -7.26
C PRO C 22 30.57 0.77 -8.10
N LEU C 23 30.44 0.98 -9.41
CA LEU C 23 29.97 -0.04 -10.34
C LEU C 23 31.13 -0.52 -11.20
N ALA C 24 31.22 -1.84 -11.36
CA ALA C 24 32.22 -2.46 -12.23
C ALA C 24 31.52 -3.54 -13.04
N GLU C 25 31.69 -3.51 -14.35
CA GLU C 25 31.00 -4.45 -15.22
C GLU C 25 31.63 -5.83 -15.10
N LEU C 26 31.04 -6.80 -15.80
CA LEU C 26 31.45 -8.19 -15.71
C LEU C 26 32.29 -8.57 -16.91
N HIS C 27 33.41 -9.24 -16.65
CA HIS C 27 34.23 -9.78 -17.72
C HIS C 27 33.64 -11.08 -18.23
N ALA C 28 33.46 -11.17 -19.55
CA ALA C 28 32.84 -12.40 -20.05
C ALA C 28 33.90 -13.47 -20.28
N PRO C 29 33.59 -14.73 -19.98
CA PRO C 29 34.54 -15.82 -20.22
C PRO C 29 34.76 -16.04 -21.72
N ALA C 30 35.84 -16.74 -22.02
CA ALA C 30 36.17 -17.05 -23.41
C ALA C 30 35.16 -18.04 -23.98
N GLY C 31 34.71 -17.78 -25.20
CA GLY C 31 33.77 -18.64 -25.87
C GLY C 31 32.32 -18.41 -25.55
N MET C 32 31.98 -17.31 -24.87
CA MET C 32 30.60 -16.99 -24.55
C MET C 32 30.48 -15.49 -24.34
N ILE C 33 29.25 -15.05 -24.08
CA ILE C 33 28.93 -13.66 -23.81
C ILE C 33 28.04 -13.61 -22.59
N LEU C 34 27.84 -12.41 -22.06
CA LEU C 34 26.84 -12.22 -21.02
C LEU C 34 25.47 -12.17 -21.69
N PRO C 35 24.40 -12.11 -20.91
CA PRO C 35 23.09 -11.79 -21.50
C PRO C 35 23.02 -10.33 -21.87
N VAL C 36 22.22 -10.03 -22.88
CA VAL C 36 22.21 -8.70 -23.46
C VAL C 36 20.80 -8.25 -23.81
N THR C 37 20.50 -6.97 -23.57
CA THR C 37 21.20 -6.08 -22.65
C THR C 37 20.13 -5.35 -21.84
N SER C 38 19.26 -4.67 -22.59
CA SER C 38 18.24 -3.75 -22.09
C SER C 38 19.00 -2.58 -21.47
N GLY C 39 18.76 -2.23 -20.22
CA GLY C 39 19.50 -1.11 -19.70
C GLY C 39 19.31 0.26 -20.34
N ASP C 40 18.13 0.93 -20.30
CA ASP C 40 16.93 0.77 -19.45
C ASP C 40 17.26 1.07 -17.98
N TYR C 41 18.54 0.91 -17.64
CA TYR C 41 19.19 1.55 -16.51
C TYR C 41 20.58 1.91 -16.98
N ALA C 42 20.90 3.20 -17.01
CA ALA C 42 22.19 3.62 -17.54
C ALA C 42 22.63 4.88 -16.83
N ILE C 43 23.94 4.97 -16.57
CA ILE C 43 24.52 6.13 -15.92
C ILE C 43 25.64 6.66 -16.82
N PRO C 44 25.35 7.60 -17.72
CA PRO C 44 26.40 8.15 -18.58
C PRO C 44 27.47 8.84 -17.75
N VAL C 45 28.68 8.89 -18.30
CA VAL C 45 29.82 9.38 -17.53
C VAL C 45 29.72 10.90 -17.41
N THR C 46 29.64 11.38 -16.18
CA THR C 46 29.65 12.81 -15.88
C THR C 46 30.59 13.04 -14.71
N ASN C 47 31.63 13.83 -14.92
CA ASN C 47 32.68 14.01 -13.92
C ASN C 47 32.37 15.24 -13.08
N GLY C 48 31.99 15.01 -11.83
CA GLY C 48 31.74 16.08 -10.87
C GLY C 48 30.84 17.18 -11.39
N SER C 49 31.19 18.43 -11.06
CA SER C 49 32.13 18.72 -9.99
C SER C 49 31.39 19.16 -8.73
N GLY C 50 30.06 19.23 -8.85
CA GLY C 50 29.25 19.93 -7.88
C GLY C 50 29.17 19.27 -6.52
N ALA C 51 28.36 19.90 -5.66
CA ALA C 51 28.22 19.45 -4.28
C ALA C 51 27.38 18.18 -4.19
N VAL C 52 27.54 17.47 -3.08
CA VAL C 52 26.85 16.21 -2.82
C VAL C 52 26.41 16.16 -1.37
N GLY C 53 25.36 15.37 -1.12
CA GLY C 53 24.91 15.17 0.25
C GLY C 53 24.28 16.42 0.84
N LYS C 54 24.56 16.66 2.12
CA LYS C 54 24.00 17.83 2.80
C LYS C 54 24.67 19.12 2.35
N ALA C 55 25.83 19.04 1.69
CA ALA C 55 26.51 20.25 1.24
C ALA C 55 25.75 20.92 0.11
N LEU C 56 24.98 20.17 -0.66
CA LEU C 56 24.19 20.75 -1.74
C LEU C 56 23.08 21.62 -1.16
N ASP C 57 22.91 22.81 -1.74
CA ASP C 57 21.91 23.76 -1.26
C ASP C 57 20.63 23.55 -2.07
N ILE C 58 19.57 23.05 -1.40
CA ILE C 58 18.32 22.73 -2.08
C ILE C 58 17.31 23.86 -2.02
N ARG C 59 17.68 24.99 -1.44
CA ARG C 59 16.79 26.14 -1.42
C ARG C 59 16.40 26.52 -2.84
N PRO C 60 15.18 26.97 -3.05
CA PRO C 60 14.72 27.30 -4.40
C PRO C 60 15.57 28.40 -5.01
N PRO C 61 15.90 28.29 -6.29
CA PRO C 61 16.71 29.34 -6.93
C PRO C 61 15.97 30.67 -6.94
N ALA C 62 16.62 31.72 -7.44
CA ALA C 62 16.08 33.07 -7.37
C ALA C 62 15.98 33.67 -8.77
N GLN C 63 14.73 33.99 -9.18
CA GLN C 63 14.52 34.96 -10.25
C GLN C 63 13.43 35.98 -9.88
N PRO C 64 13.57 36.67 -8.73
CA PRO C 64 12.74 37.88 -8.55
C PRO C 64 13.56 39.12 -8.92
N LEU C 65 13.01 40.34 -8.89
CA LEU C 65 11.63 40.65 -8.50
C LEU C 65 10.73 40.91 -9.69
N ALA C 66 11.08 41.92 -10.48
CA ALA C 66 10.29 42.36 -11.64
C ALA C 66 8.90 42.82 -11.22
N LEU C 67 8.88 44.02 -10.64
CA LEU C 67 7.65 44.78 -10.42
C LEU C 67 7.76 46.23 -10.95
N GLY C 70 7.48 48.75 -17.11
CA GLY C 70 7.36 47.32 -17.32
C GLY C 70 7.98 46.49 -16.23
N ALA C 71 7.53 45.25 -16.06
CA ALA C 71 8.29 44.32 -15.23
C ALA C 71 8.48 42.97 -15.92
N ARG C 72 9.68 42.74 -16.47
CA ARG C 72 10.28 41.41 -16.50
C ARG C 72 11.80 41.55 -16.53
N THR C 73 12.50 40.83 -15.66
CA THR C 73 13.95 40.86 -15.66
C THR C 73 14.53 39.85 -16.65
N GLN C 74 15.75 40.13 -17.12
CA GLN C 74 16.51 39.21 -17.97
C GLN C 74 17.22 38.15 -17.12
N PHE C 75 18.18 37.46 -17.72
CA PHE C 75 18.81 36.30 -17.11
C PHE C 75 19.69 36.71 -15.93
N THR C 76 20.36 35.72 -15.34
CA THR C 76 21.09 35.87 -14.10
C THR C 76 22.59 36.05 -14.36
N GLY C 77 23.37 36.04 -13.27
CA GLY C 77 24.80 36.29 -13.31
C GLY C 77 25.33 36.42 -11.89
N ASP C 78 26.45 37.11 -11.62
CA ASP C 78 27.37 37.83 -12.54
C ASP C 78 26.74 39.07 -13.18
N THR C 79 25.42 39.20 -13.10
CA THR C 79 24.68 40.30 -13.73
C THR C 79 23.33 40.43 -13.06
N ALA C 80 22.71 41.59 -13.26
CA ALA C 80 21.32 41.81 -12.92
C ALA C 80 20.68 42.63 -14.03
N SER C 81 19.35 42.56 -14.10
CA SER C 81 18.61 43.22 -15.17
C SER C 81 17.35 43.86 -14.62
N LEU C 82 17.06 45.06 -15.10
CA LEU C 82 15.84 45.78 -14.68
C LEU C 82 15.17 46.41 -15.89
N GLY C 87 9.91 49.84 -22.49
CA GLY C 87 9.24 50.59 -21.45
C GLY C 87 10.16 50.95 -20.30
N ARG C 88 10.11 52.21 -19.88
CA ARG C 88 10.99 52.73 -18.85
C ARG C 88 10.66 54.18 -18.53
N GLY C 89 11.32 54.75 -17.53
CA GLY C 89 11.12 56.13 -17.15
C GLY C 89 11.77 57.09 -18.11
N ASN C 90 11.97 58.31 -17.64
CA ASN C 90 12.51 59.40 -18.48
C ASN C 90 14.03 59.50 -18.33
N THR C 91 14.48 59.93 -17.15
CA THR C 91 15.88 60.32 -16.95
C THR C 91 16.21 60.19 -15.47
N LEU C 92 17.31 60.81 -15.05
CA LEU C 92 17.74 60.89 -13.65
C LEU C 92 18.07 59.51 -13.07
N TRP C 93 19.20 59.00 -13.55
CA TRP C 93 19.87 57.88 -12.87
C TRP C 93 20.21 58.15 -11.40
N PRO C 94 20.56 59.40 -10.95
CA PRO C 94 20.95 59.59 -9.54
C PRO C 94 19.91 59.11 -8.53
N GLN C 95 18.67 58.87 -8.97
CA GLN C 95 17.68 58.21 -8.13
C GLN C 95 18.25 56.92 -7.52
N VAL C 96 19.11 56.23 -8.26
CA VAL C 96 19.75 55.01 -7.75
C VAL C 96 20.67 55.35 -6.58
N VAL C 97 21.37 56.49 -6.66
CA VAL C 97 22.26 56.86 -5.55
C VAL C 97 21.45 57.38 -4.37
N SER C 98 20.28 57.97 -4.63
CA SER C 98 19.43 58.47 -3.55
C SER C 98 18.81 57.31 -2.77
N VAL C 99 18.35 56.27 -3.48
CA VAL C 99 17.86 55.08 -2.79
C VAL C 99 19.00 54.24 -2.23
N LEU C 100 20.20 54.37 -2.78
CA LEU C 100 21.36 53.70 -2.20
C LEU C 100 21.76 54.33 -0.88
N GLN C 101 21.64 55.66 -0.78
CA GLN C 101 21.88 56.33 0.49
C GLN C 101 20.68 56.28 1.42
N ALA C 102 19.49 55.95 0.88
CA ALA C 102 18.31 55.80 1.74
C ALA C 102 18.42 54.59 2.65
N LYS C 103 19.17 53.57 2.22
CA LYS C 103 19.49 52.41 3.04
C LYS C 103 20.78 52.61 3.84
N ASN C 104 21.35 53.81 3.79
CA ASN C 104 22.59 54.17 4.49
C ASN C 104 23.70 53.16 4.24
N TYR C 105 23.74 52.60 3.04
CA TYR C 105 24.84 51.72 2.66
C TYR C 105 26.12 52.53 2.52
N THR C 106 27.25 51.87 2.81
CA THR C 106 28.55 52.51 2.68
C THR C 106 28.99 52.49 1.22
N ILE C 107 29.45 53.62 0.72
CA ILE C 107 29.84 53.79 -0.67
C ILE C 107 31.28 54.30 -0.71
N THR C 108 32.14 53.62 -1.45
CA THR C 108 33.55 53.98 -1.54
C THR C 108 33.89 54.52 -2.93
N GLN C 109 33.96 53.67 -3.94
CA GLN C 109 34.28 54.12 -5.29
C GLN C 109 33.06 54.80 -5.90
N ARG C 110 33.22 56.04 -6.33
CA ARG C 110 32.11 56.86 -6.80
C ARG C 110 32.50 57.53 -8.11
N ASP C 111 31.70 57.30 -9.16
CA ASP C 111 31.88 57.95 -10.44
C ASP C 111 30.51 58.34 -10.98
N ASP C 112 30.36 59.61 -11.33
CA ASP C 112 29.11 60.13 -11.87
C ASP C 112 29.09 60.19 -13.39
N ALA C 113 30.16 59.74 -14.05
CA ALA C 113 30.24 59.84 -15.50
C ALA C 113 29.41 58.76 -16.18
N GLY C 114 29.81 57.50 -16.05
CA GLY C 114 29.14 56.41 -16.73
C GLY C 114 27.93 55.87 -16.00
N GLN C 115 27.41 56.64 -15.04
CA GLN C 115 26.25 56.24 -14.24
C GLN C 115 26.50 54.91 -13.53
N THR C 116 27.72 54.73 -13.03
CA THR C 116 28.12 53.48 -12.39
C THR C 116 28.91 53.79 -11.13
N LEU C 117 28.65 53.02 -10.07
CA LEU C 117 29.35 53.14 -8.81
C LEU C 117 29.63 51.75 -8.26
N THR C 118 30.55 51.69 -7.30
CA THR C 118 30.93 50.44 -6.66
C THR C 118 30.51 50.48 -5.19
N THR C 119 29.64 49.56 -4.80
CA THR C 119 29.11 49.52 -3.45
C THR C 119 29.98 48.63 -2.57
N ASP C 120 30.12 49.04 -1.31
CA ASP C 120 31.17 48.56 -0.42
C ASP C 120 30.73 47.28 0.29
N TRP C 121 31.45 46.93 1.36
CA TRP C 121 31.44 45.63 2.02
C TRP C 121 30.29 45.44 3.00
N VAL C 122 29.36 46.39 3.08
CA VAL C 122 28.27 46.33 4.07
C VAL C 122 27.58 44.98 3.99
N GLN C 123 27.44 44.33 5.14
CA GLN C 123 27.04 42.94 5.22
C GLN C 123 25.54 42.76 5.01
N TRP C 124 25.16 41.55 4.62
CA TRP C 124 23.78 41.17 4.43
C TRP C 124 23.24 40.48 5.68
N ASN C 125 21.95 40.14 5.64
CA ASN C 125 21.33 39.37 6.71
C ASN C 125 20.22 38.52 6.11
N ARG C 126 20.10 37.29 6.60
CA ARG C 126 19.06 36.37 6.14
C ARG C 126 18.68 35.45 7.29
N LEU C 127 17.41 35.01 7.28
CA LEU C 127 16.91 34.15 8.35
C LEU C 127 17.34 32.69 8.16
N ASP C 128 17.29 32.20 6.93
CA ASP C 128 17.57 30.80 6.64
C ASP C 128 19.05 30.51 6.43
N GLU C 129 19.92 31.50 6.56
CA GLU C 129 21.35 31.31 6.35
C GLU C 129 22.03 30.97 7.66
N ASP C 130 23.05 30.11 7.58
CA ASP C 130 23.64 29.53 8.78
C ASP C 130 24.53 30.53 9.52
N GLU C 131 25.69 30.88 8.96
CA GLU C 131 26.57 31.81 9.65
C GLU C 131 26.17 33.26 9.32
N GLN C 132 26.55 33.72 8.12
CA GLN C 132 26.13 35.01 7.57
C GLN C 132 26.85 35.27 6.26
N TYR C 133 26.44 36.30 5.52
CA TYR C 133 27.06 36.65 4.26
C TYR C 133 27.36 38.15 4.23
N ARG C 134 27.98 38.59 3.13
CA ARG C 134 28.34 39.97 2.86
C ARG C 134 29.05 40.00 1.51
N GLY C 135 29.16 41.19 0.95
CA GLY C 135 29.83 41.34 -0.32
C GLY C 135 29.73 42.76 -0.84
N ARG C 136 30.60 43.06 -1.81
CA ARG C 136 30.64 44.35 -2.49
C ARG C 136 30.11 44.19 -3.91
N TYR C 137 29.44 45.23 -4.41
CA TYR C 137 28.72 45.14 -5.67
C TYR C 137 29.16 46.27 -6.61
N GLN C 138 28.58 46.27 -7.80
CA GLN C 138 28.79 47.30 -8.81
C GLN C 138 27.46 47.56 -9.50
N ILE C 139 27.07 48.84 -9.56
CA ILE C 139 25.80 49.25 -10.15
C ILE C 139 26.10 50.13 -11.36
N SER C 140 25.35 49.92 -12.44
CA SER C 140 25.57 50.68 -13.67
C SER C 140 24.25 50.81 -14.43
N VAL C 141 24.19 51.81 -15.31
CA VAL C 141 23.06 52.05 -16.18
C VAL C 141 23.59 52.21 -17.60
N LYS C 142 23.03 51.45 -18.54
CA LYS C 142 23.50 51.42 -19.92
C LYS C 142 22.32 51.59 -20.87
N PRO C 143 22.01 52.85 -21.26
CA PRO C 143 20.92 53.13 -22.20
C PRO C 143 21.17 52.53 -23.58
N GLN C 147 14.37 52.41 -22.25
CA GLN C 147 15.57 52.96 -22.84
C GLN C 147 16.67 53.12 -21.80
N GLN C 148 16.38 52.68 -20.58
CA GLN C 148 17.36 52.68 -19.49
C GLN C 148 17.19 51.41 -18.67
N ALA C 149 18.30 50.72 -18.40
CA ALA C 149 18.28 49.45 -17.68
C ALA C 149 19.35 49.49 -16.60
N VAL C 150 18.94 49.25 -15.36
CA VAL C 150 19.85 49.20 -14.23
C VAL C 150 20.38 47.77 -14.09
N THR C 151 21.70 47.63 -14.02
CA THR C 151 22.36 46.35 -13.86
C THR C 151 23.24 46.40 -12.62
N VAL C 152 23.14 45.35 -11.79
CA VAL C 152 23.95 45.23 -10.58
C VAL C 152 24.70 43.90 -10.64
N LYS C 153 26.01 43.97 -10.78
CA LYS C 153 26.87 42.80 -10.67
C LYS C 153 27.61 42.86 -9.33
N LEU C 154 28.44 41.87 -9.08
CA LEU C 154 29.32 41.92 -7.92
C LEU C 154 30.56 41.09 -8.19
N LEU C 155 31.70 41.56 -7.69
CA LEU C 155 32.82 40.66 -7.42
C LEU C 155 33.17 40.83 -5.94
N ASN C 156 32.70 39.89 -5.13
CA ASN C 156 33.15 39.60 -3.76
C ASN C 156 32.19 38.56 -3.17
N LEU C 157 32.64 37.82 -2.16
CA LEU C 157 31.73 37.10 -1.28
C LEU C 157 32.47 36.81 0.01
N GLU C 158 31.72 36.81 1.12
CA GLU C 158 32.26 36.30 2.37
C GLU C 158 31.18 35.61 3.17
N GLN C 159 31.47 34.39 3.63
CA GLN C 159 30.67 33.72 4.63
C GLN C 159 31.59 33.43 5.82
N ALA C 160 31.35 34.12 6.93
CA ALA C 160 32.27 34.10 8.08
C ALA C 160 33.69 34.45 7.65
N GLY C 161 33.81 35.32 6.64
CA GLY C 161 35.09 35.74 6.11
C GLY C 161 35.63 34.87 4.99
N LYS C 162 34.98 33.72 4.68
CA LYS C 162 35.48 32.85 3.63
C LYS C 162 34.87 33.21 2.28
N PRO C 163 35.67 33.25 1.22
CA PRO C 163 35.13 33.60 -0.10
C PRO C 163 34.26 32.48 -0.66
N VAL C 164 33.18 32.88 -1.33
CA VAL C 164 32.23 31.93 -1.92
C VAL C 164 32.10 32.26 -3.40
N ALA C 165 32.61 31.36 -4.26
CA ALA C 165 32.50 31.51 -5.70
C ALA C 165 31.36 30.70 -6.31
N ASP C 166 30.61 29.96 -5.51
CA ASP C 166 29.65 29.00 -6.04
C ASP C 166 28.52 29.71 -6.79
N ALA C 167 27.94 28.99 -7.75
CA ALA C 167 26.89 29.55 -8.59
C ALA C 167 25.54 29.62 -7.90
N ALA C 168 25.34 28.85 -6.82
CA ALA C 168 24.06 28.86 -6.14
C ALA C 168 23.82 30.17 -5.39
N SER C 169 24.77 30.58 -4.56
CA SER C 169 24.59 31.78 -3.76
C SER C 169 24.74 33.05 -4.57
N MET C 170 25.40 32.98 -5.74
CA MET C 170 25.62 34.18 -6.55
C MET C 170 24.29 34.75 -7.03
N GLN C 171 23.36 33.90 -7.45
CA GLN C 171 22.04 34.37 -7.85
C GLN C 171 21.28 34.97 -6.68
N ARG C 172 21.28 34.29 -5.53
CA ARG C 172 20.50 34.77 -4.40
C ARG C 172 21.01 36.11 -3.89
N TYR C 173 22.32 36.24 -3.75
CA TYR C 173 22.87 37.47 -3.17
C TYR C 173 23.14 38.55 -4.20
N SER C 174 23.08 38.24 -5.49
CA SER C 174 22.95 39.30 -6.49
C SER C 174 21.53 39.83 -6.53
N THR C 175 20.55 38.93 -6.54
CA THR C 175 19.16 39.32 -6.51
C THR C 175 18.75 39.93 -5.17
N GLU C 176 19.54 39.77 -4.10
CA GLU C 176 19.21 40.44 -2.84
C GLU C 176 19.46 41.94 -2.96
N MET C 177 20.65 42.31 -3.47
CA MET C 177 20.94 43.71 -3.74
C MET C 177 20.00 44.27 -4.81
N MET C 178 19.73 43.48 -5.85
CA MET C 178 18.74 43.90 -6.84
C MET C 178 17.37 44.10 -6.20
N ASN C 179 17.06 43.31 -5.18
CA ASN C 179 15.79 43.48 -4.46
C ASN C 179 15.77 44.78 -3.68
N VAL C 180 16.90 45.16 -3.08
CA VAL C 180 16.95 46.42 -2.34
C VAL C 180 16.85 47.61 -3.30
N ILE C 181 17.58 47.56 -4.41
CA ILE C 181 17.49 48.62 -5.41
C ILE C 181 16.06 48.75 -5.92
N SER C 182 15.43 47.60 -6.24
CA SER C 182 14.07 47.64 -6.74
C SER C 182 13.09 48.11 -5.67
N ALA C 183 13.42 47.91 -4.39
CA ALA C 183 12.54 48.38 -3.32
C ALA C 183 12.65 49.89 -3.15
N GLY C 184 13.87 50.43 -3.19
CA GLY C 184 14.02 51.88 -3.08
C GLY C 184 13.47 52.61 -4.28
N LEU C 185 13.85 52.19 -5.49
CA LEU C 185 13.36 52.84 -6.69
C LEU C 185 11.86 52.62 -6.87
N ASP C 186 11.34 51.46 -6.44
CA ASP C 186 9.91 51.23 -6.51
C ASP C 186 9.15 52.13 -5.54
N LYS C 187 9.65 52.26 -4.31
CA LYS C 187 9.05 53.18 -3.36
C LYS C 187 9.05 54.60 -3.88
N SER C 188 10.24 55.18 -4.10
CA SER C 188 10.34 56.58 -4.46
C SER C 188 9.70 56.88 -5.82
N ALA C 189 9.74 55.92 -6.75
CA ALA C 189 9.24 56.17 -8.09
C ALA C 189 7.71 56.23 -8.15
N THR C 190 7.02 55.61 -7.19
CA THR C 190 5.57 55.58 -7.20
C THR C 190 4.98 56.73 -6.39
N THR D 3 17.59 -33.98 14.52
CA THR D 3 17.26 -35.19 13.79
C THR D 3 16.00 -35.01 12.95
N LEU D 4 16.09 -35.26 11.65
CA LEU D 4 14.90 -35.38 10.82
C LEU D 4 14.99 -36.70 10.04
N GLU D 5 14.24 -37.71 10.50
CA GLU D 5 13.87 -38.85 9.67
C GLU D 5 12.52 -38.63 8.97
N ARG D 6 11.54 -38.12 9.70
CA ARG D 6 10.19 -37.89 9.21
C ARG D 6 9.72 -36.56 9.74
N VAL D 7 9.17 -35.71 8.87
CA VAL D 7 8.72 -34.39 9.28
C VAL D 7 7.41 -34.04 8.60
N VAL D 8 6.95 -32.81 8.82
CA VAL D 8 5.70 -32.24 8.30
C VAL D 8 5.73 -30.77 8.73
N TYR D 9 4.98 -29.90 8.07
CA TYR D 9 4.22 -30.18 6.85
C TYR D 9 4.80 -29.31 5.72
N ARG D 10 4.24 -29.40 4.51
CA ARG D 10 4.74 -28.69 3.33
C ARG D 10 3.76 -28.88 2.17
N PRO D 11 3.49 -27.82 1.40
CA PRO D 11 2.58 -27.97 0.26
C PRO D 11 3.32 -28.41 -0.99
N ASP D 12 2.59 -28.60 -2.08
CA ASP D 12 3.21 -28.96 -3.34
C ASP D 12 3.94 -27.76 -3.92
N ILE D 13 5.13 -28.00 -4.48
CA ILE D 13 5.88 -26.97 -5.20
C ILE D 13 6.08 -27.47 -6.63
N ASN D 14 5.38 -26.85 -7.57
CA ASN D 14 5.49 -27.19 -8.99
C ASN D 14 6.35 -26.13 -9.66
N GLN D 15 7.39 -26.58 -10.37
CA GLN D 15 8.30 -25.67 -11.04
C GLN D 15 8.64 -26.20 -12.42
N GLY D 16 8.27 -25.46 -13.46
CA GLY D 16 8.77 -25.73 -14.78
C GLY D 16 7.70 -25.48 -15.82
N ASN D 17 7.96 -26.01 -17.01
CA ASN D 17 6.94 -26.12 -18.05
C ASN D 17 6.20 -27.44 -17.87
N TYR D 18 4.90 -27.43 -18.15
CA TYR D 18 4.09 -28.63 -18.03
C TYR D 18 4.09 -29.35 -19.37
N LEU D 19 4.74 -30.51 -19.41
CA LEU D 19 4.77 -31.35 -20.60
C LEU D 19 4.20 -32.72 -20.25
N THR D 20 3.31 -33.21 -21.10
CA THR D 20 2.34 -34.25 -20.77
C THR D 20 2.82 -35.66 -21.13
N ALA D 21 4.11 -35.87 -21.40
CA ALA D 21 4.56 -36.98 -22.24
C ALA D 21 4.04 -36.74 -23.64
N ASN D 22 2.99 -37.45 -24.08
CA ASN D 22 2.55 -37.50 -25.47
C ASN D 22 2.66 -36.15 -26.19
N ASP D 23 2.44 -35.03 -25.49
CA ASP D 23 2.75 -33.73 -26.08
C ASP D 23 4.22 -33.63 -26.49
N VAL D 24 5.13 -34.14 -25.65
CA VAL D 24 6.55 -34.17 -26.01
C VAL D 24 6.77 -35.03 -27.26
N SER D 25 5.94 -36.06 -27.43
CA SER D 25 6.02 -36.91 -28.61
C SER D 25 5.66 -36.18 -29.89
N LYS D 26 5.21 -34.93 -29.81
CA LYS D 26 4.83 -34.16 -30.99
C LYS D 26 5.99 -33.39 -31.61
N ILE D 27 7.17 -33.39 -30.96
CA ILE D 27 8.33 -32.70 -31.52
C ILE D 27 9.02 -33.61 -32.52
N ARG D 28 9.58 -33.01 -33.57
CA ARG D 28 10.32 -33.74 -34.58
C ARG D 28 11.44 -32.86 -35.10
N VAL D 29 12.47 -33.51 -35.66
CA VAL D 29 13.60 -32.76 -36.20
C VAL D 29 13.18 -32.05 -37.47
N GLY D 30 13.64 -30.81 -37.63
CA GLY D 30 13.19 -29.96 -38.70
C GLY D 30 12.16 -28.92 -38.30
N MET D 31 11.94 -28.70 -37.01
CA MET D 31 11.00 -27.68 -36.57
C MET D 31 11.57 -26.29 -36.83
N THR D 32 10.66 -25.31 -36.92
CA THR D 32 11.02 -23.94 -37.20
C THR D 32 11.20 -23.10 -35.94
N GLN D 33 11.07 -23.71 -34.76
CA GLN D 33 11.18 -23.07 -33.46
C GLN D 33 9.95 -22.22 -33.19
N GLN D 34 9.19 -21.92 -34.24
CA GLN D 34 7.88 -21.30 -34.08
C GLN D 34 6.82 -22.36 -33.79
N GLN D 35 6.89 -23.52 -34.46
CA GLN D 35 5.95 -24.60 -34.23
C GLN D 35 6.31 -25.45 -33.02
N VAL D 36 7.54 -25.36 -32.52
CA VAL D 36 7.86 -25.94 -31.23
C VAL D 36 7.06 -25.25 -30.13
N ALA D 37 7.08 -23.92 -30.14
CA ALA D 37 6.29 -23.13 -29.21
C ALA D 37 4.79 -23.25 -29.46
N TYR D 38 4.36 -23.94 -30.52
CA TYR D 38 2.94 -23.98 -30.84
C TYR D 38 2.19 -24.81 -29.81
N ALA D 39 2.39 -26.14 -29.81
CA ALA D 39 2.02 -26.89 -28.61
C ALA D 39 3.28 -27.51 -28.02
N LEU D 40 3.92 -26.76 -27.14
CA LEU D 40 4.59 -27.21 -25.92
C LEU D 40 4.31 -26.09 -24.92
N GLY D 41 4.86 -24.94 -25.26
CA GLY D 41 4.71 -23.71 -24.53
C GLY D 41 5.87 -22.80 -24.85
N THR D 42 5.77 -21.56 -24.41
CA THR D 42 6.94 -20.69 -24.47
C THR D 42 7.86 -21.08 -23.32
N PRO D 43 9.06 -21.58 -23.59
CA PRO D 43 9.89 -22.14 -22.52
C PRO D 43 10.22 -21.09 -21.48
N LEU D 44 9.94 -21.41 -20.21
CA LEU D 44 10.23 -20.50 -19.12
C LEU D 44 11.71 -20.44 -18.80
N MET D 45 12.52 -21.30 -19.42
CA MET D 45 13.97 -21.23 -19.32
C MET D 45 14.53 -21.35 -20.73
N SER D 46 15.28 -20.34 -21.16
CA SER D 46 15.92 -20.34 -22.47
C SER D 46 17.42 -20.10 -22.26
N ASP D 47 18.17 -19.94 -23.34
CA ASP D 47 19.61 -19.95 -23.19
C ASP D 47 20.32 -18.59 -23.32
N PRO D 48 20.68 -18.00 -22.18
CA PRO D 48 22.02 -17.42 -22.06
C PRO D 48 22.91 -18.61 -21.70
N PHE D 49 24.18 -18.64 -22.10
CA PHE D 49 24.86 -17.50 -22.66
C PHE D 49 25.37 -17.75 -24.07
N GLY D 50 24.92 -16.94 -25.02
CA GLY D 50 25.48 -16.93 -26.35
C GLY D 50 24.98 -17.98 -27.31
N THR D 51 24.31 -19.02 -26.83
CA THR D 51 23.83 -20.09 -27.70
C THR D 51 22.30 -20.06 -27.74
N ASN D 52 21.73 -20.97 -28.53
CA ASN D 52 20.28 -21.11 -28.64
C ASN D 52 19.89 -22.52 -28.22
N THR D 53 19.28 -22.64 -27.05
CA THR D 53 18.66 -23.88 -26.58
C THR D 53 17.44 -23.50 -25.78
N TRP D 54 16.38 -24.27 -25.91
CA TRP D 54 15.16 -24.12 -25.13
C TRP D 54 15.11 -25.21 -24.08
N PHE D 55 15.12 -24.81 -22.81
CA PHE D 55 15.04 -25.75 -21.70
C PHE D 55 13.59 -25.87 -21.27
N TYR D 56 12.99 -27.03 -21.51
CA TYR D 56 11.68 -27.36 -20.98
C TYR D 56 11.89 -28.33 -19.82
N VAL D 57 11.67 -27.83 -18.60
CA VAL D 57 11.90 -28.61 -17.39
C VAL D 57 10.55 -28.86 -16.73
N PHE D 58 10.31 -30.10 -16.33
CA PHE D 58 9.11 -30.46 -15.59
C PHE D 58 9.55 -30.94 -14.21
N ARG D 59 9.28 -30.12 -13.19
CA ARG D 59 9.72 -30.42 -11.83
C ARG D 59 8.53 -30.33 -10.88
N GLN D 60 8.42 -31.31 -10.00
CA GLN D 60 7.34 -31.37 -9.02
C GLN D 60 7.88 -31.83 -7.68
N GLN D 61 7.40 -31.20 -6.61
CA GLN D 61 7.81 -31.54 -5.24
C GLN D 61 6.57 -31.49 -4.34
N PRO D 62 5.70 -32.50 -4.45
CA PRO D 62 4.56 -32.57 -3.55
C PRO D 62 4.90 -33.19 -2.20
N GLY D 63 4.19 -32.73 -1.17
CA GLY D 63 3.93 -33.47 0.05
C GLY D 63 5.07 -34.24 0.69
N HIS D 64 6.30 -33.70 0.68
CA HIS D 64 7.46 -34.33 1.29
C HIS D 64 7.85 -35.63 0.61
N GLU D 65 7.03 -36.10 -0.35
CA GLU D 65 7.27 -37.37 -1.02
C GLU D 65 8.62 -37.40 -1.71
N GLY D 66 8.78 -36.58 -2.76
CA GLY D 66 10.02 -36.53 -3.49
C GLY D 66 9.92 -35.67 -4.74
N VAL D 67 11.06 -35.29 -5.29
CA VAL D 67 11.11 -34.44 -6.47
C VAL D 67 11.11 -35.31 -7.72
N THR D 68 10.23 -34.99 -8.66
CA THR D 68 10.15 -35.68 -9.95
C THR D 68 10.28 -34.64 -11.04
N GLN D 69 11.36 -34.71 -11.80
CA GLN D 69 11.65 -33.74 -12.85
C GLN D 69 12.20 -34.46 -14.07
N GLN D 70 11.60 -34.23 -15.23
CA GLN D 70 12.17 -34.63 -16.51
C GLN D 70 12.54 -33.38 -17.29
N THR D 71 13.75 -33.38 -17.85
CA THR D 71 14.29 -32.20 -18.50
C THR D 71 14.51 -32.48 -19.98
N LEU D 72 13.83 -31.72 -20.82
CA LEU D 72 13.95 -31.81 -22.27
C LEU D 72 14.56 -30.51 -22.78
N THR D 73 15.81 -30.57 -23.22
CA THR D 73 16.53 -29.42 -23.76
C THR D 73 16.67 -29.57 -25.26
N LEU D 74 16.35 -28.50 -25.99
CA LEU D 74 16.36 -28.50 -27.45
C LEU D 74 17.41 -27.54 -27.96
N THR D 75 18.25 -27.99 -28.88
CA THR D 75 19.31 -27.16 -29.44
C THR D 75 18.94 -26.78 -30.87
N PHE D 76 18.93 -25.48 -31.14
CA PHE D 76 18.54 -24.91 -32.43
C PHE D 76 19.76 -24.32 -33.13
N ASN D 77 19.72 -24.30 -34.46
CA ASN D 77 20.80 -23.73 -35.25
C ASN D 77 20.61 -22.22 -35.34
N SER D 78 21.40 -21.57 -36.19
CA SER D 78 21.29 -20.12 -36.38
C SER D 78 20.09 -19.74 -37.24
N SER D 79 19.51 -20.68 -37.98
CA SER D 79 18.38 -20.40 -38.85
C SER D 79 17.05 -20.65 -38.18
N GLY D 80 17.04 -21.04 -36.91
CA GLY D 80 15.81 -21.33 -36.20
C GLY D 80 15.31 -22.75 -36.31
N VAL D 81 16.14 -23.68 -36.75
CA VAL D 81 15.77 -25.09 -36.88
C VAL D 81 16.50 -25.87 -35.80
N LEU D 82 15.78 -26.78 -35.14
CA LEU D 82 16.39 -27.53 -34.03
C LEU D 82 17.33 -28.59 -34.60
N THR D 83 18.59 -28.53 -34.18
CA THR D 83 19.54 -29.58 -34.51
C THR D 83 19.43 -30.76 -33.56
N ASN D 84 19.29 -30.49 -32.26
CA ASN D 84 19.46 -31.52 -31.26
C ASN D 84 18.26 -31.58 -30.31
N ILE D 85 17.98 -32.78 -29.83
CA ILE D 85 16.95 -33.04 -28.82
C ILE D 85 17.58 -33.89 -27.73
N ASP D 86 17.49 -33.43 -26.48
CA ASP D 86 18.03 -34.18 -25.34
C ASP D 86 16.96 -34.29 -24.28
N ASN D 87 16.51 -35.51 -23.99
CA ASN D 87 15.48 -35.76 -23.01
C ASN D 87 16.02 -36.66 -21.92
N LYS D 88 15.99 -36.17 -20.67
CA LYS D 88 16.43 -36.94 -19.51
C LYS D 88 15.33 -36.95 -18.46
N PRO D 89 14.53 -38.02 -18.41
CA PRO D 89 13.50 -38.12 -17.37
C PRO D 89 14.09 -38.53 -16.03
N ALA D 90 13.38 -38.17 -14.98
CA ALA D 90 13.79 -38.36 -13.58
C ALA D 90 15.16 -37.70 -13.39
N LEU D 91 16.06 -38.30 -12.62
CA LEU D 91 17.31 -37.68 -12.18
C LEU D 91 18.12 -38.74 -11.46
N SER D 92 19.36 -38.37 -11.12
CA SER D 92 20.24 -39.25 -10.36
C SER D 92 21.37 -38.45 -9.72
#